data_4XCI
#
_entry.id   4XCI
#
_cell.length_a   148.420
_cell.length_b   148.420
_cell.length_c   304.670
_cell.angle_alpha   90.000
_cell.angle_beta   90.000
_cell.angle_gamma   90.000
#
_symmetry.space_group_name_H-M   'I 4 2 2'
#
loop_
_entity.id
_entity.type
_entity.pdbx_description
1 polymer 'Thermosome subunit beta'
2 polymer 'Thermosome subunit alpha'
#
loop_
_entity_poly.entity_id
_entity_poly.type
_entity_poly.pdbx_seq_one_letter_code
_entity_poly.pdbx_strand_id
1 'polypeptide(L)'
;MRKMATATVATTPEGIPVIILKEGSSRTYGKEALRANIAAVKAIEEALKSTYGPRGMDKMLVDSLGDITITNDGATILDK
MDLQHPTGKLLVQIAKGQDEETADGTKTAVILAGELAKKAEDLLYKEIHPTIIVSGYKKAEEIALKTIQEIAQPVTINDT
DVLRKVALTSLGSKAVAGAREYLADLVVKAVAQVAELRGDKWYVDLDNVQIVKKHGGSVNDTQLVYGIVVDKEVVHPGMP
KRIENAKIALLDASLEVEKPELDAEIRINDPTQMHKFLEEEENILKEKVDKIAATGANVVICQKGIDEVAQHYLAKKGIL
AVRRAKKSDLEKLARATGGRVISNIDELTSQDLGYAALVEERKVGEDKMVFVEGAKNPKSVSILIRGGLERVVDETERAL
RDALGTVADVIRDGRAVAGGGAVEIEIAKRLRKYAPQVGGKEQLAIEAYANAIEGLIMILAENAGLDPIDKLMQLRSLHE
NETNKWYGLNLFTGNPEDMWKLGVIEPALVKMNAVKAATEAVTLVLRIDDIVAAGKKSGSEPSGKKEKDKEEKSSED
;
B
2 'polypeptide(L)'
;MAAPVLLLKEGTSRTTGRDALRNNILAAKTLAEMLRSSLGPKGLDKMLIDSFGDVTITNDGATIVKDMEIQHPAAKLLVE
AAKAQDAEVGDGTTSAVVLAGALLEKAESLLDQNIHPTIIIEGYKKAYNKALELLPQLGTRIDIKDLNSSVARDTLRKIA
FTTLASKFIAEGAELNKIIDMVIDAIVNVAEPLPNGGYNVSLDLIKIDKKKGGSIEDSVLVKGLVLDKEVVHPGMPRRVT
KAKIAVLDAALEVEKPEISAKISITSPEQIKAFLDEESKYLKDMVDKLASIGANVVICQKGIDDIAQHFLAKKGILAVRR
VKRSDIEKLEKALGARIISSIKDATPEDLGYAELVEERRVGNDKMVFIEGAKNLKAVNILLRGSNDMALDEAERSINDAL
HALRNILLEPVILPGGGAIELELAMKLREYARSVGGKEQLAIEAFADALEEIPLILAETAGLEAISSLMDLRARHAKGLS
NTGVDVIGGKIVDDVYALNIIEPIRVKSQVLKSATEAATAILKIDDLIAAAPLKSEKKGGEGSKEESGGEGGSTPSLGD
;
A
#
# COMPACT_ATOMS: atom_id res chain seq x y z
N TYR A 29 34.52 15.18 20.97
CA TYR A 29 34.36 15.15 22.42
C TYR A 29 35.25 14.05 23.05
N GLY A 30 34.63 12.99 23.60
CA GLY A 30 35.38 11.94 24.25
C GLY A 30 35.97 10.91 23.30
N LYS A 31 36.01 9.66 23.73
CA LYS A 31 36.65 8.60 22.96
C LYS A 31 35.86 8.25 21.69
N GLU A 32 36.58 7.77 20.68
CA GLU A 32 36.00 7.53 19.37
C GLU A 32 35.02 6.36 19.35
N ALA A 33 35.09 5.49 20.36
CA ALA A 33 34.14 4.40 20.50
C ALA A 33 32.73 4.96 20.70
N LEU A 34 32.64 5.92 21.62
CA LEU A 34 31.38 6.59 21.91
C LEU A 34 30.86 7.35 20.69
N ARG A 35 31.76 8.06 20.03
CA ARG A 35 31.43 8.81 18.83
C ARG A 35 30.89 7.87 17.76
N ALA A 36 31.55 6.73 17.59
CA ALA A 36 31.12 5.71 16.64
C ALA A 36 29.76 5.13 17.00
N ASN A 37 29.57 4.74 18.26
CA ASN A 37 28.28 4.24 18.70
C ASN A 37 27.15 5.23 18.45
N ILE A 38 27.35 6.47 18.87
CA ILE A 38 26.38 7.52 18.62
C ILE A 38 26.10 7.66 17.12
N ALA A 39 27.16 7.66 16.31
CA ALA A 39 27.01 7.70 14.86
C ALA A 39 26.15 6.54 14.37
N ALA A 40 26.37 5.35 14.94
CA ALA A 40 25.60 4.18 14.57
C ALA A 40 24.12 4.37 14.88
N VAL A 41 23.81 4.78 16.11
CA VAL A 41 22.42 5.05 16.49
C VAL A 41 21.78 6.04 15.52
N LYS A 42 22.47 7.15 15.28
CA LYS A 42 21.98 8.18 14.36
C LYS A 42 21.74 7.59 12.97
N ALA A 43 22.67 6.77 12.51
CA ALA A 43 22.54 6.10 11.22
C ALA A 43 21.27 5.25 11.17
N ILE A 44 21.05 4.46 12.22
CA ILE A 44 19.86 3.63 12.30
C ILE A 44 18.59 4.48 12.37
N GLU A 45 18.64 5.64 13.01
CA GLU A 45 17.51 6.56 12.94
C GLU A 45 17.25 6.97 11.49
N GLU A 46 18.29 7.47 10.82
CA GLU A 46 18.14 7.92 9.44
C GLU A 46 17.49 6.88 8.53
N ALA A 47 17.66 5.61 8.88
CA ALA A 47 17.08 4.52 8.08
C ALA A 47 15.56 4.47 8.18
N LEU A 48 15.01 5.00 9.27
CA LEU A 48 13.56 4.92 9.52
C LEU A 48 12.87 6.27 9.63
N LYS A 49 13.67 7.32 9.82
CA LYS A 49 13.14 8.67 10.00
C LYS A 49 12.05 9.04 8.97
N SER A 50 12.35 8.80 7.70
CA SER A 50 11.44 9.20 6.61
C SER A 50 10.08 8.52 6.68
N THR A 51 10.00 7.40 7.40
CA THR A 51 8.79 6.59 7.41
C THR A 51 7.92 6.84 8.65
N TYR A 52 8.27 7.83 9.44
CA TYR A 52 7.56 8.08 10.69
C TYR A 52 6.25 8.82 10.47
N GLY A 53 5.20 8.35 11.12
CA GLY A 53 3.91 9.00 11.03
C GLY A 53 3.01 8.38 9.99
N PRO A 54 1.71 8.72 10.01
CA PRO A 54 0.77 8.21 9.00
C PRO A 54 1.22 8.50 7.57
N ARG A 55 1.33 9.76 7.20
CA ARG A 55 1.78 10.13 5.86
C ARG A 55 3.29 9.91 5.69
N GLY A 56 3.74 8.70 5.97
CA GLY A 56 5.15 8.38 5.94
C GLY A 56 5.58 7.81 4.60
N MET A 57 6.89 7.88 4.32
CA MET A 57 7.43 7.37 3.06
C MET A 57 7.68 5.87 3.14
N ASP A 58 7.81 5.25 1.98
CA ASP A 58 8.23 3.85 1.89
C ASP A 58 9.72 3.80 1.62
N LYS A 59 10.34 2.67 1.94
CA LYS A 59 11.74 2.41 1.61
C LYS A 59 11.81 1.22 0.66
N MET A 60 12.79 1.22 -0.24
CA MET A 60 13.00 0.11 -1.15
C MET A 60 14.24 -0.68 -0.74
N LEU A 61 14.06 -1.99 -0.60
CA LEU A 61 15.13 -2.89 -0.18
C LEU A 61 15.49 -3.81 -1.33
N VAL A 62 16.80 -4.05 -1.50
CA VAL A 62 17.28 -4.88 -2.61
C VAL A 62 18.16 -6.02 -2.09
N ASP A 63 17.69 -7.26 -2.27
CA ASP A 63 18.39 -8.42 -1.75
C ASP A 63 19.09 -9.19 -2.87
N SER A 64 20.41 -9.22 -2.82
CA SER A 64 21.22 -9.91 -3.83
C SER A 64 20.91 -9.37 -5.22
N LEU A 65 20.75 -10.27 -6.19
CA LEU A 65 20.30 -9.91 -7.53
C LEU A 65 18.93 -10.52 -7.80
N GLY A 66 18.29 -11.01 -6.74
CA GLY A 66 17.08 -11.79 -6.86
C GLY A 66 15.78 -11.01 -6.74
N ASP A 67 15.64 -10.27 -5.65
CA ASP A 67 14.35 -9.65 -5.33
C ASP A 67 14.48 -8.31 -4.59
N ILE A 68 13.40 -7.54 -4.63
CA ILE A 68 13.31 -6.26 -3.95
C ILE A 68 12.03 -6.15 -3.12
N THR A 69 12.04 -5.27 -2.11
CA THR A 69 10.89 -5.09 -1.23
C THR A 69 10.63 -3.62 -0.90
N ILE A 70 9.43 -3.14 -1.24
CA ILE A 70 9.04 -1.75 -1.01
C ILE A 70 8.09 -1.67 0.17
N THR A 71 8.50 -1.01 1.26
CA THR A 71 7.70 -1.05 2.49
C THR A 71 7.83 0.15 3.43
N ASN A 72 6.76 0.38 4.20
CA ASN A 72 6.75 1.33 5.31
C ASN A 72 6.60 0.55 6.61
N ASP A 73 7.72 0.02 7.11
CA ASP A 73 7.67 -0.87 8.27
C ASP A 73 9.03 -0.93 8.96
N GLY A 74 9.08 -0.43 10.19
CA GLY A 74 10.31 -0.38 10.96
C GLY A 74 10.96 -1.75 11.07
N ALA A 75 10.18 -2.72 11.53
CA ALA A 75 10.67 -4.08 11.72
C ALA A 75 11.31 -4.62 10.44
N THR A 76 10.52 -4.63 9.37
CA THR A 76 10.98 -5.18 8.10
C THR A 76 12.23 -4.48 7.59
N ILE A 77 12.23 -3.16 7.62
CA ILE A 77 13.38 -2.38 7.14
C ILE A 77 14.62 -2.67 7.97
N LEU A 78 14.45 -2.75 9.29
CA LEU A 78 15.56 -3.05 10.19
C LEU A 78 16.08 -4.46 9.97
N ASP A 79 15.17 -5.41 9.76
CA ASP A 79 15.55 -6.81 9.59
C ASP A 79 16.21 -7.06 8.25
N LYS A 80 15.68 -6.46 7.20
CA LYS A 80 16.19 -6.71 5.85
C LYS A 80 17.55 -6.05 5.61
N MET A 81 17.76 -4.87 6.19
CA MET A 81 19.00 -4.12 5.96
C MET A 81 20.18 -4.80 6.66
N ASP A 82 21.39 -4.47 6.20
CA ASP A 82 22.61 -5.05 6.77
C ASP A 82 22.82 -4.60 8.22
N LEU A 83 22.82 -5.59 9.12
CA LEU A 83 23.05 -5.34 10.54
C LEU A 83 24.47 -5.73 10.93
N GLN A 84 25.41 -5.50 10.02
CA GLN A 84 26.80 -5.87 10.24
C GLN A 84 27.57 -4.79 11.00
N HIS A 85 27.05 -4.45 12.17
CA HIS A 85 27.72 -3.54 13.10
C HIS A 85 27.36 -3.98 14.52
N PRO A 86 28.36 -4.15 15.40
CA PRO A 86 28.08 -4.68 16.74
C PRO A 86 27.10 -3.79 17.51
N THR A 87 27.41 -2.49 17.57
CA THR A 87 26.46 -1.51 18.09
C THR A 87 25.33 -1.40 17.09
N GLY A 88 24.18 -0.92 17.52
CA GLY A 88 23.06 -0.76 16.62
C GLY A 88 22.28 -2.05 16.43
N LYS A 89 22.98 -3.14 16.14
CA LYS A 89 22.38 -4.46 16.17
C LYS A 89 21.77 -4.70 17.55
N LEU A 90 22.33 -4.04 18.56
CA LEU A 90 21.77 -4.03 19.90
C LEU A 90 20.59 -3.05 19.98
N LEU A 91 20.72 -1.91 19.32
CA LEU A 91 19.65 -0.91 19.31
C LEU A 91 18.38 -1.50 18.72
N VAL A 92 18.52 -2.31 17.68
CA VAL A 92 17.36 -2.96 17.07
C VAL A 92 16.66 -3.87 18.07
N GLN A 93 17.45 -4.62 18.83
CA GLN A 93 16.89 -5.57 19.79
C GLN A 93 16.30 -4.87 21.01
N ILE A 94 16.91 -3.76 21.41
CA ILE A 94 16.36 -2.95 22.48
C ILE A 94 15.07 -2.26 22.02
N ALA A 95 15.04 -1.82 20.78
CA ALA A 95 13.86 -1.15 20.23
C ALA A 95 12.68 -2.11 20.22
N LYS A 96 12.92 -3.31 19.70
CA LYS A 96 11.93 -4.38 19.77
C LYS A 96 11.77 -4.86 21.20
N GLY A 97 11.05 -4.08 22.01
CA GLY A 97 10.93 -4.34 23.43
C GLY A 97 10.64 -5.79 23.78
N GLN A 98 11.44 -6.36 24.67
CA GLN A 98 11.27 -7.75 25.09
C GLN A 98 9.98 -7.89 25.89
N ASP A 99 8.86 -7.83 25.19
CA ASP A 99 7.54 -7.84 25.80
C ASP A 99 6.53 -8.15 24.70
N GLU A 100 5.31 -8.54 25.11
CA GLU A 100 4.24 -8.77 24.15
C GLU A 100 4.09 -7.55 23.24
N GLU A 101 4.34 -6.38 23.82
CA GLU A 101 4.33 -5.13 23.07
C GLU A 101 5.46 -5.12 22.04
N THR A 102 5.10 -5.42 20.80
CA THR A 102 6.02 -5.29 19.68
C THR A 102 5.22 -4.81 18.47
N ALA A 103 5.69 -3.74 17.84
CA ALA A 103 4.92 -3.08 16.80
C ALA A 103 5.83 -2.25 15.91
N ASP A 104 5.24 -1.39 15.08
CA ASP A 104 6.01 -0.40 14.34
C ASP A 104 6.33 0.78 15.28
N GLY A 105 5.82 0.70 16.51
CA GLY A 105 6.24 1.59 17.58
C GLY A 105 7.72 1.39 17.87
N THR A 106 8.28 0.33 17.28
CA THR A 106 9.72 0.18 17.18
C THR A 106 10.34 1.40 16.50
N LYS A 107 9.71 1.88 15.42
CA LYS A 107 10.16 3.09 14.73
C LYS A 107 10.33 4.24 15.72
N THR A 108 9.34 4.40 16.60
CA THR A 108 9.39 5.46 17.60
C THR A 108 10.61 5.29 18.48
N ALA A 109 10.81 4.08 19.00
CA ALA A 109 11.92 3.82 19.91
C ALA A 109 13.24 4.16 19.23
N VAL A 110 13.38 3.72 17.98
CA VAL A 110 14.60 3.95 17.22
C VAL A 110 14.82 5.42 16.91
N ILE A 111 13.82 6.06 16.30
CA ILE A 111 13.91 7.47 15.95
C ILE A 111 14.22 8.32 17.18
N LEU A 112 13.59 7.98 18.30
CA LEU A 112 13.81 8.72 19.54
C LEU A 112 15.28 8.60 19.94
N ALA A 113 15.77 7.35 20.01
CA ALA A 113 17.14 7.09 20.39
C ALA A 113 18.07 7.95 19.57
N GLY A 114 17.80 8.01 18.28
CA GLY A 114 18.58 8.84 17.37
C GLY A 114 18.54 10.30 17.78
N GLU A 115 17.39 10.76 18.27
CA GLU A 115 17.25 12.16 18.63
C GLU A 115 17.95 12.45 19.96
N LEU A 116 17.73 11.59 20.95
CA LEU A 116 18.41 11.72 22.24
C LEU A 116 19.92 11.63 22.07
N ALA A 117 20.35 10.90 21.05
CA ALA A 117 21.77 10.75 20.76
C ALA A 117 22.35 12.04 20.20
N LYS A 118 21.63 12.65 19.26
CA LYS A 118 22.09 13.89 18.63
C LYS A 118 22.12 15.06 19.61
N LYS A 119 21.14 15.12 20.51
CA LYS A 119 21.11 16.17 21.53
C LYS A 119 22.16 15.89 22.60
N ALA A 120 22.46 14.62 22.82
CA ALA A 120 23.55 14.26 23.72
C ALA A 120 24.85 14.77 23.13
N GLU A 121 25.00 14.56 21.82
CA GLU A 121 26.20 14.99 21.10
C GLU A 121 26.46 16.46 21.38
N ASP A 122 25.40 17.26 21.39
CA ASP A 122 25.52 18.70 21.66
C ASP A 122 25.95 18.98 23.10
N LEU A 123 25.68 18.04 24.00
CA LEU A 123 26.07 18.19 25.41
C LEU A 123 27.53 17.80 25.60
N LEU A 124 27.93 16.69 24.99
CA LEU A 124 29.31 16.21 25.08
C LEU A 124 30.29 17.27 24.61
N TYR A 125 29.92 18.02 23.57
CA TYR A 125 30.78 19.10 23.07
C TYR A 125 30.92 20.22 24.11
N LYS A 126 30.01 20.25 25.08
CA LYS A 126 30.14 21.17 26.22
C LYS A 126 30.87 20.45 27.36
N GLU A 127 31.37 19.26 27.06
CA GLU A 127 32.11 18.43 28.01
C GLU A 127 31.29 18.14 29.26
N ILE A 128 29.99 17.92 29.07
CA ILE A 128 29.17 17.28 30.08
C ILE A 128 29.51 15.79 30.05
N HIS A 129 29.96 15.25 31.17
CA HIS A 129 30.34 13.84 31.21
C HIS A 129 29.12 12.93 30.97
N PRO A 130 29.31 11.80 30.27
CA PRO A 130 28.21 10.85 30.02
C PRO A 130 27.40 10.46 31.25
N THR A 131 28.06 10.34 32.40
CA THR A 131 27.37 10.05 33.65
C THR A 131 26.21 11.01 33.93
N ILE A 132 26.50 12.31 33.85
CA ILE A 132 25.50 13.34 34.12
C ILE A 132 24.38 13.30 33.09
N ILE A 133 24.75 13.14 31.83
CA ILE A 133 23.76 13.01 30.78
C ILE A 133 22.82 11.85 31.08
N VAL A 134 23.39 10.68 31.35
CA VAL A 134 22.60 9.49 31.65
C VAL A 134 21.66 9.74 32.81
N SER A 135 22.18 10.29 33.90
CA SER A 135 21.34 10.67 35.04
C SER A 135 20.15 11.54 34.62
N GLY A 136 20.46 12.64 33.92
CA GLY A 136 19.44 13.55 33.44
C GLY A 136 18.40 12.86 32.57
N TYR A 137 18.87 12.01 31.67
CA TYR A 137 17.97 11.27 30.78
C TYR A 137 17.10 10.31 31.58
N LYS A 138 17.66 9.69 32.61
CA LYS A 138 16.86 8.80 33.45
C LYS A 138 15.74 9.59 34.16
N LYS A 139 16.09 10.72 34.76
CA LYS A 139 15.07 11.58 35.38
C LYS A 139 13.99 11.98 34.36
N ALA A 140 14.43 12.53 33.24
CA ALA A 140 13.51 12.94 32.18
C ALA A 140 12.64 11.76 31.72
N GLU A 141 13.24 10.57 31.65
CA GLU A 141 12.49 9.37 31.30
C GLU A 141 11.37 9.16 32.30
N GLU A 142 11.71 9.17 33.58
CA GLU A 142 10.71 8.97 34.62
C GLU A 142 9.57 9.99 34.50
N ILE A 143 9.91 11.26 34.36
CA ILE A 143 8.88 12.29 34.21
C ILE A 143 8.03 12.08 32.94
N ALA A 144 8.66 11.69 31.84
CA ALA A 144 7.94 11.44 30.61
C ALA A 144 6.93 10.31 30.82
N LEU A 145 7.39 9.20 31.40
CA LEU A 145 6.52 8.08 31.68
C LEU A 145 5.37 8.49 32.59
N LYS A 146 5.68 9.27 33.62
CA LYS A 146 4.65 9.81 34.51
C LYS A 146 3.63 10.63 33.71
N THR A 147 4.12 11.50 32.84
CA THR A 147 3.25 12.33 32.01
C THR A 147 2.31 11.48 31.17
N ILE A 148 2.85 10.47 30.51
CA ILE A 148 2.02 9.56 29.74
C ILE A 148 1.00 8.89 30.65
N GLN A 149 1.43 8.47 31.83
CA GLN A 149 0.54 7.85 32.79
C GLN A 149 -0.61 8.78 33.17
N GLU A 150 -0.29 10.06 33.35
CA GLU A 150 -1.30 11.06 33.71
C GLU A 150 -2.28 11.35 32.58
N ILE A 151 -1.77 11.68 31.40
CA ILE A 151 -2.62 12.08 30.27
C ILE A 151 -3.58 10.96 29.85
N ALA A 152 -3.11 9.72 29.92
CA ALA A 152 -3.82 8.57 29.36
C ALA A 152 -5.27 8.48 29.79
N GLN A 153 -6.14 8.21 28.80
CA GLN A 153 -7.57 8.01 29.03
C GLN A 153 -7.88 6.52 29.19
N PRO A 154 -8.84 6.19 30.07
CA PRO A 154 -9.24 4.79 30.17
C PRO A 154 -10.02 4.33 28.96
N VAL A 155 -9.94 3.04 28.64
CA VAL A 155 -10.67 2.49 27.51
C VAL A 155 -10.86 0.99 27.70
N THR A 156 -12.07 0.52 27.41
CA THR A 156 -12.44 -0.88 27.62
C THR A 156 -12.76 -1.55 26.28
N ILE A 157 -13.01 -2.86 26.33
CA ILE A 157 -13.28 -3.63 25.12
C ILE A 157 -14.65 -3.27 24.53
N ASN A 158 -15.44 -2.52 25.30
CA ASN A 158 -16.79 -2.12 24.86
C ASN A 158 -16.76 -0.86 24.00
N ASP A 159 -15.74 -0.03 24.20
CA ASP A 159 -15.63 1.23 23.46
C ASP A 159 -15.22 0.97 22.01
N THR A 160 -16.18 0.52 21.20
CA THR A 160 -15.91 0.17 19.81
C THR A 160 -15.38 1.36 19.02
N ASP A 161 -15.90 2.55 19.33
CA ASP A 161 -15.47 3.77 18.67
C ASP A 161 -13.96 3.96 18.79
N VAL A 162 -13.48 3.98 20.02
CA VAL A 162 -12.07 4.19 20.29
C VAL A 162 -11.19 3.11 19.66
N LEU A 163 -11.50 1.84 19.95
CA LEU A 163 -10.75 0.72 19.39
C LEU A 163 -10.69 0.78 17.87
N ARG A 164 -11.82 1.12 17.26
CA ARG A 164 -11.90 1.32 15.82
C ARG A 164 -10.98 2.46 15.37
N LYS A 165 -11.02 3.56 16.11
CA LYS A 165 -10.15 4.69 15.82
C LYS A 165 -8.67 4.32 15.99
N VAL A 166 -8.36 3.50 16.98
CA VAL A 166 -6.99 3.03 17.20
C VAL A 166 -6.53 2.19 16.02
N ALA A 167 -7.35 1.21 15.67
CA ALA A 167 -7.08 0.37 14.51
C ALA A 167 -6.89 1.24 13.27
N LEU A 168 -7.74 2.25 13.11
CA LEU A 168 -7.66 3.14 11.96
C LEU A 168 -6.40 4.01 12.03
N THR A 169 -6.00 4.37 13.25
CA THR A 169 -4.79 5.18 13.43
C THR A 169 -3.53 4.37 13.12
N SER A 170 -3.54 3.08 13.45
CA SER A 170 -2.41 2.21 13.12
C SER A 170 -2.20 2.03 11.62
N LEU A 171 -3.27 2.18 10.85
CA LEU A 171 -3.23 1.95 9.40
C LEU A 171 -3.12 3.25 8.61
N GLY A 172 -2.71 4.33 9.28
CA GLY A 172 -2.65 5.64 8.65
C GLY A 172 -1.82 5.70 7.39
N SER A 173 -2.49 5.76 6.25
CA SER A 173 -1.86 5.86 4.93
C SER A 173 -0.89 4.72 4.62
N LYS A 174 -0.99 3.62 5.37
CA LYS A 174 -0.23 2.42 5.04
C LYS A 174 -0.68 1.93 3.68
N ALA A 175 0.27 1.48 2.86
CA ALA A 175 -0.04 1.03 1.51
C ALA A 175 -0.81 -0.29 1.56
N VAL A 176 -2.04 -0.24 2.06
CA VAL A 176 -2.88 -1.42 2.19
C VAL A 176 -3.97 -1.41 1.11
N ALA A 177 -4.17 -2.55 0.47
CA ALA A 177 -5.15 -2.68 -0.60
C ALA A 177 -6.57 -2.47 -0.08
N GLY A 178 -6.85 -3.05 1.08
CA GLY A 178 -8.17 -2.98 1.67
C GLY A 178 -8.56 -1.58 2.12
N ALA A 179 -9.84 -1.27 2.00
CA ALA A 179 -10.41 -0.09 2.64
C ALA A 179 -9.98 -0.04 4.11
N ARG A 180 -9.38 1.07 4.52
CA ARG A 180 -8.77 1.16 5.84
C ARG A 180 -9.82 1.17 6.96
N GLU A 181 -10.96 1.80 6.69
CA GLU A 181 -12.06 1.83 7.65
C GLU A 181 -12.66 0.43 7.83
N TYR A 182 -12.93 -0.22 6.70
CA TYR A 182 -13.43 -1.59 6.69
C TYR A 182 -12.45 -2.52 7.39
N LEU A 183 -11.18 -2.42 7.00
CA LEU A 183 -10.12 -3.23 7.59
C LEU A 183 -9.99 -2.96 9.09
N ALA A 184 -10.15 -1.70 9.48
CA ALA A 184 -10.15 -1.33 10.89
C ALA A 184 -11.28 -2.04 11.63
N ASP A 185 -12.49 -1.98 11.06
CA ASP A 185 -13.62 -2.72 11.61
C ASP A 185 -13.27 -4.18 11.78
N LEU A 186 -12.73 -4.80 10.72
CA LEU A 186 -12.31 -6.19 10.78
C LEU A 186 -11.31 -6.45 11.92
N VAL A 187 -10.34 -5.55 12.06
CA VAL A 187 -9.36 -5.66 13.14
C VAL A 187 -10.04 -5.68 14.50
N VAL A 188 -10.88 -4.68 14.75
CA VAL A 188 -11.61 -4.60 16.01
C VAL A 188 -12.43 -5.87 16.25
N LYS A 189 -13.14 -6.32 15.22
CA LYS A 189 -13.95 -7.52 15.31
C LYS A 189 -13.12 -8.75 15.69
N ALA A 190 -12.03 -8.98 14.96
CA ALA A 190 -11.16 -10.12 15.21
C ALA A 190 -10.58 -10.09 16.62
N VAL A 191 -10.04 -8.94 17.01
CA VAL A 191 -9.47 -8.80 18.34
C VAL A 191 -10.54 -9.01 19.42
N ALA A 192 -11.75 -8.52 19.15
CA ALA A 192 -12.88 -8.74 20.06
C ALA A 192 -13.19 -10.24 20.17
N GLN A 193 -13.21 -10.92 19.03
CA GLN A 193 -13.44 -12.37 19.00
C GLN A 193 -12.41 -13.14 19.81
N VAL A 194 -11.13 -12.87 19.56
CA VAL A 194 -10.04 -13.59 20.23
C VAL A 194 -10.03 -13.43 21.76
N ALA A 195 -10.51 -12.28 22.23
CA ALA A 195 -10.35 -11.88 23.63
C ALA A 195 -10.91 -12.89 24.64
N GLU A 196 -10.15 -13.12 25.72
CA GLU A 196 -10.63 -13.86 26.88
C GLU A 196 -10.42 -13.01 28.12
N LEU A 197 -11.14 -13.30 29.20
CA LEU A 197 -11.01 -12.53 30.44
C LEU A 197 -10.23 -13.31 31.50
N ARG A 198 -9.18 -12.68 32.03
CA ARG A 198 -8.36 -13.28 33.08
C ARG A 198 -8.25 -12.38 34.30
N GLY A 199 -8.94 -12.76 35.38
CA GLY A 199 -8.86 -12.06 36.64
C GLY A 199 -8.94 -10.54 36.52
N ASP A 200 -10.07 -10.05 36.05
CA ASP A 200 -10.32 -8.61 35.87
C ASP A 200 -9.45 -7.98 34.79
N LYS A 201 -8.65 -8.79 34.09
CA LYS A 201 -7.82 -8.29 32.99
C LYS A 201 -8.03 -9.12 31.73
N TRP A 202 -8.55 -8.48 30.69
CA TRP A 202 -8.71 -9.15 29.40
C TRP A 202 -7.35 -9.59 28.87
N TYR A 203 -7.36 -10.58 27.98
CA TYR A 203 -6.14 -11.04 27.35
C TYR A 203 -6.44 -11.45 25.90
N VAL A 204 -5.52 -11.09 25.01
CA VAL A 204 -5.67 -11.31 23.58
C VAL A 204 -4.51 -12.13 23.03
N ASP A 205 -4.80 -13.37 22.65
CA ASP A 205 -3.78 -14.25 22.07
C ASP A 205 -3.87 -14.20 20.55
N LEU A 206 -3.03 -13.37 19.94
CA LEU A 206 -3.08 -13.14 18.50
C LEU A 206 -2.57 -14.34 17.70
N ASP A 207 -2.15 -15.39 18.38
CA ASP A 207 -1.78 -16.64 17.72
C ASP A 207 -3.03 -17.34 17.18
N ASN A 208 -4.17 -17.09 17.84
CA ASN A 208 -5.45 -17.64 17.41
C ASN A 208 -5.84 -17.13 16.02
N VAL A 209 -5.23 -16.01 15.62
CA VAL A 209 -5.52 -15.41 14.32
C VAL A 209 -4.69 -16.04 13.21
N GLN A 210 -5.36 -16.36 12.10
CA GLN A 210 -4.68 -16.80 10.89
C GLN A 210 -4.71 -15.66 9.88
N ILE A 211 -3.67 -15.57 9.05
CA ILE A 211 -3.62 -14.57 7.99
C ILE A 211 -3.05 -15.17 6.72
N VAL A 212 -3.96 -15.63 5.84
CA VAL A 212 -3.59 -16.20 4.56
C VAL A 212 -3.73 -15.14 3.47
N LYS A 213 -3.07 -15.35 2.33
CA LYS A 213 -3.04 -14.34 1.29
C LYS A 213 -2.85 -14.92 -0.12
N LYS A 214 -3.47 -14.26 -1.10
CA LYS A 214 -3.50 -14.70 -2.49
C LYS A 214 -3.75 -13.50 -3.39
N HIS A 215 -3.07 -13.43 -4.53
CA HIS A 215 -3.15 -12.23 -5.38
C HIS A 215 -3.43 -12.50 -6.85
N GLY A 216 -4.53 -11.91 -7.34
CA GLY A 216 -4.92 -11.96 -8.73
C GLY A 216 -5.34 -10.58 -9.19
N GLY A 217 -6.56 -10.45 -9.71
CA GLY A 217 -7.16 -9.17 -10.04
C GLY A 217 -8.64 -9.23 -9.69
N SER A 218 -9.27 -8.06 -9.51
CA SER A 218 -10.56 -7.93 -8.80
C SER A 218 -10.31 -8.28 -7.36
N VAL A 219 -9.08 -7.99 -6.91
CA VAL A 219 -8.66 -8.32 -5.57
C VAL A 219 -7.95 -7.16 -4.89
N ASN A 220 -8.06 -7.19 -3.57
CA ASN A 220 -8.03 -6.04 -2.68
C ASN A 220 -9.41 -6.11 -2.03
N ASP A 221 -10.11 -7.22 -2.31
CA ASP A 221 -11.19 -7.68 -1.47
C ASP A 221 -10.50 -8.18 -0.21
N THR A 222 -11.06 -7.92 0.96
CA THR A 222 -10.53 -8.47 2.20
C THR A 222 -11.66 -9.18 2.91
N GLN A 223 -11.40 -10.41 3.35
CA GLN A 223 -12.44 -11.26 3.91
C GLN A 223 -12.13 -11.64 5.36
N LEU A 224 -13.19 -11.66 6.18
CA LEU A 224 -13.11 -12.07 7.58
C LEU A 224 -13.80 -13.41 7.78
N VAL A 225 -13.03 -14.40 8.24
CA VAL A 225 -13.52 -15.76 8.46
C VAL A 225 -13.48 -16.11 9.95
N TYR A 226 -14.56 -16.67 10.47
CA TYR A 226 -14.62 -17.06 11.87
C TYR A 226 -14.21 -18.52 12.07
N GLY A 227 -13.02 -18.87 11.58
CA GLY A 227 -12.53 -20.22 11.68
C GLY A 227 -11.12 -20.33 11.11
N ILE A 228 -10.92 -21.22 10.14
CA ILE A 228 -9.61 -21.38 9.53
C ILE A 228 -9.72 -21.58 8.04
N VAL A 229 -8.83 -20.92 7.29
CA VAL A 229 -8.79 -21.05 5.84
C VAL A 229 -7.56 -21.84 5.41
N VAL A 230 -7.81 -23.04 4.87
CA VAL A 230 -6.73 -23.88 4.36
C VAL A 230 -6.60 -23.64 2.85
N ASP A 231 -5.49 -23.00 2.48
CA ASP A 231 -5.27 -22.56 1.11
C ASP A 231 -4.68 -23.68 0.26
N LYS A 232 -5.56 -24.53 -0.29
CA LYS A 232 -5.13 -25.60 -1.18
C LYS A 232 -6.31 -26.24 -1.89
N GLU A 233 -6.11 -26.63 -3.15
CA GLU A 233 -7.14 -27.28 -3.94
C GLU A 233 -7.43 -28.67 -3.37
N VAL A 234 -8.66 -29.13 -3.54
CA VAL A 234 -9.06 -30.47 -3.09
C VAL A 234 -8.30 -31.52 -3.89
N VAL A 235 -7.75 -32.51 -3.18
CA VAL A 235 -6.87 -33.51 -3.76
C VAL A 235 -7.48 -34.21 -4.97
N HIS A 236 -8.76 -34.54 -4.89
CA HIS A 236 -9.45 -35.27 -5.96
C HIS A 236 -10.79 -34.62 -6.29
N PRO A 237 -11.07 -34.41 -7.59
CA PRO A 237 -12.37 -33.82 -7.97
C PRO A 237 -13.56 -34.60 -7.43
N GLY A 238 -13.62 -35.89 -7.73
CA GLY A 238 -14.68 -36.74 -7.21
C GLY A 238 -14.51 -36.93 -5.71
N MET A 239 -15.02 -35.98 -4.94
CA MET A 239 -14.85 -35.98 -3.50
C MET A 239 -15.84 -35.01 -2.86
N PRO A 240 -16.38 -35.36 -1.67
CA PRO A 240 -17.36 -34.49 -1.02
C PRO A 240 -16.86 -33.05 -0.81
N LYS A 241 -17.39 -32.13 -1.62
CA LYS A 241 -17.07 -30.71 -1.51
C LYS A 241 -17.33 -30.23 -0.09
N ARG A 242 -18.55 -30.45 0.39
CA ARG A 242 -18.94 -30.06 1.74
C ARG A 242 -18.89 -31.24 2.71
N ILE A 243 -18.71 -30.94 3.99
CA ILE A 243 -18.72 -31.95 5.04
C ILE A 243 -19.34 -31.36 6.31
N GLU A 244 -20.42 -32.00 6.79
CA GLU A 244 -21.14 -31.50 7.96
C GLU A 244 -20.59 -32.11 9.26
N ASN A 245 -20.34 -31.25 10.23
CA ASN A 245 -19.86 -31.68 11.55
C ASN A 245 -18.64 -32.59 11.45
N ALA A 246 -17.62 -32.13 10.75
CA ALA A 246 -16.44 -32.95 10.45
C ALA A 246 -15.57 -33.18 11.67
N LYS A 247 -15.60 -34.39 12.20
CA LYS A 247 -14.67 -34.76 13.27
C LYS A 247 -13.27 -34.75 12.71
N ILE A 248 -12.44 -33.86 13.25
CA ILE A 248 -11.13 -33.57 12.67
C ILE A 248 -10.07 -34.56 13.12
N ALA A 249 -9.38 -35.14 12.14
CA ALA A 249 -8.28 -36.06 12.39
C ALA A 249 -7.18 -35.85 11.35
N LEU A 250 -6.37 -34.83 11.55
CA LEU A 250 -5.32 -34.47 10.60
C LEU A 250 -4.06 -34.00 11.32
N ASN A 283 -2.91 -52.67 -0.79
CA ASN A 283 -3.51 -53.21 0.42
C ASN A 283 -2.97 -52.54 1.68
N ILE A 284 -1.70 -52.14 1.63
CA ILE A 284 -1.08 -51.40 2.72
C ILE A 284 -1.83 -50.08 2.93
N LEU A 285 -2.01 -49.36 1.83
CA LEU A 285 -2.74 -48.09 1.85
C LEU A 285 -4.17 -48.28 2.34
N LYS A 286 -4.83 -49.35 1.88
CA LYS A 286 -6.19 -49.64 2.30
C LYS A 286 -6.24 -49.89 3.81
N GLU A 287 -5.29 -50.68 4.30
CA GLU A 287 -5.19 -50.95 5.74
C GLU A 287 -5.01 -49.65 6.51
N LYS A 288 -4.09 -48.81 6.04
CA LYS A 288 -3.85 -47.52 6.68
C LYS A 288 -5.11 -46.65 6.71
N VAL A 289 -5.73 -46.46 5.54
CA VAL A 289 -6.94 -45.64 5.43
C VAL A 289 -8.03 -46.19 6.35
N ASP A 290 -8.23 -47.50 6.33
CA ASP A 290 -9.22 -48.15 7.20
C ASP A 290 -8.91 -47.89 8.67
N LYS A 291 -7.66 -48.07 9.06
CA LYS A 291 -7.24 -47.83 10.44
C LYS A 291 -7.44 -46.38 10.85
N ILE A 292 -7.13 -45.45 9.94
CA ILE A 292 -7.31 -44.04 10.22
C ILE A 292 -8.77 -43.67 10.37
N ALA A 293 -9.61 -44.16 9.45
CA ALA A 293 -11.04 -43.86 9.51
C ALA A 293 -11.82 -44.77 10.46
N ALA A 294 -11.12 -45.45 11.36
CA ALA A 294 -11.77 -46.36 12.30
C ALA A 294 -12.54 -45.60 13.38
N THR A 295 -11.93 -44.53 13.89
CA THR A 295 -12.56 -43.72 14.93
C THR A 295 -13.79 -42.99 14.38
N VAL A 299 -12.06 -35.27 7.61
CA VAL A 299 -11.05 -34.63 6.77
C VAL A 299 -9.65 -34.94 7.29
N VAL A 300 -8.70 -35.10 6.37
CA VAL A 300 -7.32 -35.43 6.71
C VAL A 300 -6.34 -34.50 6.00
N ILE A 301 -5.20 -34.24 6.65
CA ILE A 301 -4.15 -33.39 6.09
C ILE A 301 -2.79 -33.89 6.52
N CYS A 302 -1.81 -33.80 5.62
CA CYS A 302 -0.44 -34.22 5.90
C CYS A 302 0.56 -33.17 5.45
N ASP A 307 0.07 -40.55 -2.61
CA ASP A 307 -0.11 -41.66 -3.54
C ASP A 307 -1.45 -41.56 -4.25
N GLU A 308 -1.48 -41.96 -5.51
CA GLU A 308 -2.69 -41.86 -6.33
C GLU A 308 -3.76 -42.85 -5.89
N VAL A 309 -3.32 -43.97 -5.32
CA VAL A 309 -4.24 -45.03 -4.91
C VAL A 309 -5.11 -44.56 -3.72
N ALA A 310 -4.51 -43.79 -2.82
CA ALA A 310 -5.22 -43.33 -1.63
C ALA A 310 -6.32 -42.32 -1.96
N GLN A 311 -6.17 -41.63 -3.09
CA GLN A 311 -7.16 -40.65 -3.50
C GLN A 311 -8.51 -41.30 -3.73
N HIS A 312 -8.52 -42.47 -4.37
CA HIS A 312 -9.74 -43.22 -4.59
C HIS A 312 -10.35 -43.67 -3.27
N TYR A 313 -9.49 -44.15 -2.36
CA TYR A 313 -9.93 -44.59 -1.04
C TYR A 313 -10.62 -43.44 -0.30
N LEU A 314 -9.96 -42.29 -0.23
CA LEU A 314 -10.53 -41.13 0.44
C LEU A 314 -11.74 -40.58 -0.32
N ALA A 315 -11.72 -40.74 -1.65
CA ALA A 315 -12.86 -40.36 -2.47
C ALA A 315 -14.07 -41.23 -2.12
N LYS A 316 -13.80 -42.51 -1.89
CA LYS A 316 -14.85 -43.45 -1.49
C LYS A 316 -15.30 -43.19 -0.06
N LYS A 317 -14.34 -43.01 0.83
CA LYS A 317 -14.65 -42.69 2.23
C LYS A 317 -15.44 -41.40 2.35
N LEU A 320 -12.75 -35.17 2.52
CA LEU A 320 -11.96 -34.10 1.93
C LEU A 320 -10.50 -34.26 2.31
N ALA A 321 -9.60 -33.76 1.46
CA ALA A 321 -8.17 -33.91 1.67
C ALA A 321 -7.38 -32.67 1.26
N VAL A 322 -6.11 -32.63 1.65
CA VAL A 322 -5.23 -31.51 1.32
C VAL A 322 -3.82 -32.01 1.00
N ARG A 323 -3.23 -31.43 -0.04
CA ARG A 323 -1.89 -31.84 -0.48
C ARG A 323 -0.79 -31.31 0.43
N ARG A 324 -0.74 -29.98 0.56
CA ARG A 324 0.32 -29.32 1.30
C ARG A 324 -0.23 -28.15 2.12
N ALA A 325 -0.02 -28.19 3.43
CA ALA A 325 -0.45 -27.12 4.32
C ALA A 325 0.65 -26.80 5.33
N LYS A 326 0.87 -25.52 5.57
CA LYS A 326 1.84 -25.08 6.56
C LYS A 326 1.53 -25.70 7.92
N LYS A 327 2.56 -25.99 8.70
CA LYS A 327 2.37 -26.51 10.04
C LYS A 327 1.70 -25.46 10.91
N SER A 328 1.83 -24.20 10.52
CA SER A 328 1.12 -23.11 11.19
C SER A 328 -0.38 -23.31 11.05
N ASP A 329 -0.82 -23.64 9.84
CA ASP A 329 -2.22 -23.92 9.59
C ASP A 329 -2.68 -25.11 10.44
N LEU A 330 -1.83 -26.13 10.52
CA LEU A 330 -2.15 -27.32 11.31
C LEU A 330 -2.28 -26.96 12.79
N GLU A 331 -1.36 -26.14 13.29
CA GLU A 331 -1.43 -25.65 14.66
C GLU A 331 -2.73 -24.89 14.90
N LYS A 332 -2.97 -23.87 14.08
CA LYS A 332 -4.16 -23.05 14.19
C LYS A 332 -5.44 -23.88 14.04
N LEU A 333 -5.37 -24.92 13.23
CA LEU A 333 -6.48 -25.86 13.07
C LEU A 333 -6.69 -26.64 14.36
N ALA A 334 -5.60 -27.17 14.91
CA ALA A 334 -5.65 -27.90 16.18
C ALA A 334 -6.22 -27.03 17.29
N ARG A 335 -5.81 -25.77 17.33
CA ARG A 335 -6.32 -24.82 18.30
C ARG A 335 -7.79 -24.53 18.03
N ALA A 336 -8.12 -24.27 16.78
CA ALA A 336 -9.47 -23.88 16.41
C ALA A 336 -10.48 -25.00 16.67
N THR A 337 -10.12 -26.23 16.35
CA THR A 337 -11.07 -27.33 16.43
C THR A 337 -11.00 -28.06 17.78
N GLY A 338 -10.08 -27.63 18.65
CA GLY A 338 -9.93 -28.23 19.96
C GLY A 338 -9.45 -29.67 19.87
N ALA A 356 -16.72 -28.37 14.79
CA ALA A 356 -16.11 -28.31 13.47
C ALA A 356 -17.18 -28.26 12.39
N ALA A 357 -18.26 -27.54 12.68
CA ALA A 357 -19.56 -27.76 12.03
C ALA A 357 -19.53 -27.80 10.50
N LEU A 358 -18.81 -26.87 9.88
CA LEU A 358 -18.75 -26.82 8.42
C LEU A 358 -17.32 -26.87 7.89
N VAL A 359 -17.11 -27.69 6.87
CA VAL A 359 -15.88 -27.69 6.09
C VAL A 359 -16.26 -27.64 4.61
N GLU A 360 -15.94 -26.53 3.95
CA GLU A 360 -16.30 -26.32 2.56
C GLU A 360 -15.08 -26.15 1.66
N GLU A 361 -15.34 -26.22 0.36
CA GLU A 361 -14.39 -25.81 -0.67
C GLU A 361 -14.98 -24.60 -1.38
N ARG A 362 -14.40 -23.43 -1.16
CA ARG A 362 -14.92 -22.20 -1.76
C ARG A 362 -14.01 -21.72 -2.87
N LYS A 363 -14.60 -21.07 -3.86
CA LYS A 363 -13.85 -20.56 -5.01
C LYS A 363 -13.53 -19.08 -4.86
N VAL A 364 -12.24 -18.78 -4.68
CA VAL A 364 -11.78 -17.40 -4.71
C VAL A 364 -11.74 -16.97 -6.17
N GLY A 365 -11.70 -15.68 -6.42
CA GLY A 365 -11.56 -15.20 -7.78
C GLY A 365 -10.39 -15.87 -8.47
N GLU A 366 -10.72 -16.80 -9.36
CA GLU A 366 -9.75 -17.52 -10.20
C GLU A 366 -9.03 -18.66 -9.48
N ASP A 367 -9.58 -19.14 -8.36
CA ASP A 367 -9.04 -20.33 -7.70
C ASP A 367 -9.94 -20.87 -6.58
N LYS A 368 -9.60 -22.05 -6.06
CA LYS A 368 -10.39 -22.70 -5.01
C LYS A 368 -9.55 -23.00 -3.78
N MET A 369 -10.20 -23.00 -2.61
CA MET A 369 -9.52 -23.36 -1.36
C MET A 369 -10.51 -23.79 -0.28
N VAL A 370 -9.98 -24.37 0.80
CA VAL A 370 -10.82 -25.02 1.80
C VAL A 370 -11.10 -24.12 3.00
N PHE A 371 -12.38 -24.03 3.37
CA PHE A 371 -12.81 -23.19 4.48
C PHE A 371 -13.36 -24.02 5.65
N VAL A 372 -12.71 -23.88 6.80
CA VAL A 372 -13.22 -24.47 8.05
C VAL A 372 -13.98 -23.43 8.85
N GLU A 373 -15.29 -23.63 8.91
CA GLU A 373 -16.22 -22.69 9.54
C GLU A 373 -16.88 -23.36 10.73
N GLY A 374 -16.89 -22.66 11.86
CA GLY A 374 -17.29 -23.27 13.11
C GLY A 374 -16.07 -23.85 13.78
N ALA A 375 -16.09 -23.87 15.10
CA ALA A 375 -14.98 -24.39 15.88
C ALA A 375 -15.47 -24.94 17.19
N LYS A 376 -14.67 -25.82 17.79
CA LYS A 376 -14.77 -26.06 19.22
C LYS A 376 -13.76 -25.10 19.84
N ASN A 377 -13.94 -23.82 19.55
CA ASN A 377 -13.07 -22.76 20.03
C ASN A 377 -13.73 -21.40 19.83
N PRO A 378 -13.94 -20.65 20.94
CA PRO A 378 -14.59 -19.34 20.83
C PRO A 378 -13.64 -18.16 20.56
N LYS A 379 -12.38 -18.45 20.25
CA LYS A 379 -11.36 -17.41 20.13
C LYS A 379 -10.60 -17.44 18.81
N SER A 380 -10.85 -18.47 17.99
CA SER A 380 -10.14 -18.59 16.72
C SER A 380 -10.82 -17.74 15.66
N VAL A 381 -10.02 -17.31 14.67
CA VAL A 381 -10.50 -16.45 13.60
C VAL A 381 -9.41 -16.34 12.54
N SER A 382 -9.79 -15.92 11.33
CA SER A 382 -8.85 -15.80 10.23
C SER A 382 -9.22 -14.63 9.33
N ILE A 383 -8.21 -14.02 8.71
CA ILE A 383 -8.42 -12.92 7.78
C ILE A 383 -7.78 -13.22 6.44
N LEU A 384 -8.60 -13.25 5.39
CA LEU A 384 -8.12 -13.48 4.04
C LEU A 384 -7.85 -12.15 3.36
N ILE A 385 -6.57 -11.81 3.28
CA ILE A 385 -6.11 -10.61 2.61
C ILE A 385 -5.63 -10.98 1.22
N ARG A 386 -6.44 -10.65 0.23
CA ARG A 386 -6.08 -10.91 -1.14
C ARG A 386 -6.02 -9.57 -1.87
N GLY A 387 -4.96 -9.36 -2.66
CA GLY A 387 -4.73 -8.08 -3.32
C GLY A 387 -4.30 -8.25 -4.78
N GLY A 388 -4.35 -7.17 -5.55
CA GLY A 388 -3.96 -7.23 -6.95
C GLY A 388 -2.50 -7.51 -7.19
N LEU A 389 -1.64 -6.87 -6.38
CA LEU A 389 -0.19 -6.92 -6.56
C LEU A 389 0.46 -7.35 -5.24
N GLU A 390 1.51 -8.18 -5.33
CA GLU A 390 2.04 -8.89 -4.15
C GLU A 390 2.60 -7.99 -3.05
N ARG A 391 3.40 -7.00 -3.42
CA ARG A 391 3.97 -6.05 -2.46
C ARG A 391 2.87 -5.46 -1.59
N VAL A 392 1.73 -5.16 -2.23
CA VAL A 392 0.60 -4.55 -1.57
C VAL A 392 -0.04 -5.53 -0.58
N VAL A 393 -0.19 -6.77 -1.00
CA VAL A 393 -0.71 -7.83 -0.13
C VAL A 393 0.17 -8.02 1.11
N ASP A 394 1.47 -8.22 0.87
CA ASP A 394 2.43 -8.37 1.95
C ASP A 394 2.35 -7.19 2.91
N GLU A 395 2.42 -5.99 2.34
CA GLU A 395 2.31 -4.77 3.13
C GLU A 395 1.02 -4.76 3.94
N THR A 396 -0.08 -5.21 3.32
CA THR A 396 -1.35 -5.28 4.00
C THR A 396 -1.27 -6.22 5.19
N GLU A 397 -0.63 -7.38 5.00
CA GLU A 397 -0.42 -8.30 6.12
C GLU A 397 0.36 -7.63 7.24
N ARG A 398 1.49 -7.02 6.91
CA ARG A 398 2.31 -6.34 7.92
C ARG A 398 1.50 -5.31 8.71
N ALA A 399 0.87 -4.39 7.97
CA ALA A 399 0.05 -3.34 8.57
C ALA A 399 -1.07 -3.94 9.43
N LEU A 400 -1.69 -5.01 8.92
CA LEU A 400 -2.76 -5.69 9.64
C LEU A 400 -2.25 -6.24 10.96
N ARG A 401 -1.16 -6.99 10.92
CA ARG A 401 -0.57 -7.54 12.13
C ARG A 401 -0.28 -6.44 13.15
N ASP A 402 0.35 -5.36 12.68
CA ASP A 402 0.65 -4.24 13.57
C ASP A 402 -0.62 -3.66 14.20
N ALA A 403 -1.62 -3.37 13.37
CA ALA A 403 -2.88 -2.81 13.87
C ALA A 403 -3.53 -3.72 14.92
N LEU A 404 -3.58 -5.02 14.60
CA LEU A 404 -4.04 -6.02 15.56
C LEU A 404 -3.28 -5.87 16.87
N GLY A 405 -1.95 -5.81 16.76
CA GLY A 405 -1.10 -5.61 17.92
C GLY A 405 -1.48 -4.40 18.76
N THR A 406 -1.64 -3.25 18.09
CA THR A 406 -1.97 -2.02 18.80
C THR A 406 -3.32 -2.12 19.51
N VAL A 407 -4.35 -2.57 18.80
CA VAL A 407 -5.66 -2.73 19.44
C VAL A 407 -5.60 -3.69 20.62
N ALA A 408 -4.86 -4.78 20.44
CA ALA A 408 -4.63 -5.74 21.52
C ALA A 408 -4.04 -5.04 22.74
N ASP A 409 -2.92 -4.35 22.53
CA ASP A 409 -2.28 -3.60 23.62
C ASP A 409 -3.26 -2.63 24.29
N VAL A 410 -4.02 -1.90 23.50
CA VAL A 410 -5.03 -0.98 24.04
C VAL A 410 -5.98 -1.72 24.96
N ILE A 411 -6.48 -2.87 24.51
CA ILE A 411 -7.41 -3.65 25.31
C ILE A 411 -6.75 -4.19 26.59
N ARG A 412 -5.57 -4.78 26.45
CA ARG A 412 -4.89 -5.40 27.60
C ARG A 412 -4.46 -4.39 28.66
N ASP A 413 -3.94 -3.24 28.24
CA ASP A 413 -3.53 -2.22 29.21
C ASP A 413 -4.69 -1.31 29.58
N GLY A 414 -5.65 -1.16 28.67
CA GLY A 414 -6.85 -0.39 28.94
C GLY A 414 -6.62 1.12 29.03
N ARG A 415 -5.58 1.60 28.36
CA ARG A 415 -5.30 3.03 28.29
C ARG A 415 -4.98 3.47 26.86
N ALA A 416 -5.32 4.71 26.54
CA ALA A 416 -5.03 5.27 25.22
C ALA A 416 -4.73 6.75 25.34
N VAL A 417 -4.08 7.31 24.32
CA VAL A 417 -3.71 8.71 24.31
C VAL A 417 -3.94 9.33 22.93
N ALA A 418 -4.19 10.63 22.92
CA ALA A 418 -4.32 11.34 21.67
C ALA A 418 -2.95 11.42 21.00
N GLY A 419 -2.83 10.82 19.83
CA GLY A 419 -1.59 10.87 19.07
C GLY A 419 -1.40 12.21 18.39
N GLY A 420 -0.76 12.19 17.23
CA GLY A 420 -0.57 13.38 16.42
C GLY A 420 0.43 14.36 16.99
N GLY A 421 1.10 13.99 18.07
CA GLY A 421 2.15 14.82 18.65
C GLY A 421 1.80 15.48 19.97
N ALA A 422 0.59 15.25 20.48
CA ALA A 422 0.15 15.88 21.73
C ALA A 422 0.99 15.43 22.92
N VAL A 423 1.04 14.11 23.12
CA VAL A 423 1.73 13.52 24.28
C VAL A 423 3.18 14.01 24.36
N GLU A 424 3.86 14.00 23.23
CA GLU A 424 5.26 14.43 23.15
C GLU A 424 5.42 15.88 23.60
N ILE A 425 4.54 16.75 23.12
CA ILE A 425 4.59 18.15 23.50
C ILE A 425 4.36 18.32 24.98
N GLU A 426 3.35 17.64 25.50
CA GLU A 426 3.10 17.68 26.93
C GLU A 426 4.36 17.24 27.68
N ILE A 427 4.93 16.11 27.29
CA ILE A 427 6.16 15.61 27.89
C ILE A 427 7.25 16.69 27.92
N ALA A 428 7.59 17.22 26.75
CA ALA A 428 8.59 18.28 26.66
C ALA A 428 8.28 19.46 27.60
N LYS A 429 7.02 19.88 27.60
CA LYS A 429 6.55 20.94 28.48
C LYS A 429 6.86 20.63 29.96
N ARG A 430 6.40 19.48 30.43
CA ARG A 430 6.66 19.06 31.82
C ARG A 430 8.16 18.98 32.11
N LEU A 431 8.93 18.47 31.15
CA LEU A 431 10.38 18.37 31.35
C LEU A 431 11.00 19.74 31.56
N ARG A 432 10.72 20.68 30.66
CA ARG A 432 11.24 22.03 30.81
C ARG A 432 10.75 22.65 32.11
N LYS A 433 9.51 22.34 32.50
CA LYS A 433 8.97 22.79 33.78
C LYS A 433 9.77 22.25 34.96
N TYR A 434 10.08 20.96 34.92
CA TYR A 434 10.75 20.29 36.04
C TYR A 434 12.26 20.51 36.06
N ALA A 435 12.86 20.74 34.89
CA ALA A 435 14.32 20.77 34.76
C ALA A 435 15.04 21.69 35.76
N PRO A 436 14.53 22.92 35.97
CA PRO A 436 15.23 23.81 36.91
C PRO A 436 15.26 23.29 38.35
N GLN A 437 14.38 22.35 38.67
CA GLN A 437 14.31 21.77 40.00
C GLN A 437 15.39 20.69 40.20
N VAL A 438 16.25 20.56 39.18
CA VAL A 438 17.34 19.60 39.20
C VAL A 438 18.64 20.37 39.01
N GLY A 439 19.76 19.75 39.38
CA GLY A 439 21.07 20.35 39.17
C GLY A 439 21.22 20.86 37.75
N GLY A 440 21.99 21.92 37.59
CA GLY A 440 22.18 22.56 36.30
C GLY A 440 22.66 21.67 35.16
N LYS A 441 23.76 20.97 35.38
CA LYS A 441 24.34 20.15 34.32
C LYS A 441 23.39 19.03 33.91
N GLU A 442 22.58 18.55 34.86
CA GLU A 442 21.52 17.60 34.54
C GLU A 442 20.31 18.31 33.94
N GLN A 443 20.03 19.51 34.42
CA GLN A 443 18.94 20.33 33.88
C GLN A 443 19.10 20.49 32.38
N LEU A 444 20.33 20.79 31.95
CA LEU A 444 20.63 20.89 30.52
C LEU A 444 20.29 19.59 29.79
N ALA A 445 20.66 18.47 30.41
CA ALA A 445 20.37 17.15 29.84
C ALA A 445 18.87 16.92 29.71
N ILE A 446 18.13 17.25 30.75
CA ILE A 446 16.68 17.13 30.74
C ILE A 446 16.06 17.97 29.62
N GLU A 447 16.40 19.25 29.59
CA GLU A 447 15.94 20.13 28.51
C GLU A 447 16.26 19.51 27.15
N ALA A 448 17.49 19.02 27.01
CA ALA A 448 17.90 18.33 25.78
C ALA A 448 17.00 17.12 25.49
N TYR A 449 16.61 16.40 26.54
CA TYR A 449 15.66 15.30 26.39
C TYR A 449 14.35 15.82 25.82
N ALA A 450 13.83 16.91 26.41
CA ALA A 450 12.60 17.52 25.92
C ALA A 450 12.71 17.86 24.44
N ASN A 451 13.82 18.50 24.05
CA ASN A 451 14.02 18.82 22.65
C ASN A 451 14.09 17.56 21.78
N ALA A 452 14.76 16.53 22.30
CA ALA A 452 14.85 15.26 21.59
C ALA A 452 13.47 14.69 21.34
N ILE A 453 12.62 14.74 22.36
CA ILE A 453 11.22 14.39 22.20
C ILE A 453 10.55 15.23 21.10
N GLU A 454 10.66 16.55 21.21
CA GLU A 454 10.01 17.43 20.24
C GLU A 454 10.50 17.19 18.80
N GLY A 455 11.72 16.68 18.64
CA GLY A 455 12.18 16.26 17.32
C GLY A 455 11.18 15.41 16.53
N LEU A 456 10.56 14.45 17.22
CA LEU A 456 9.62 13.53 16.61
C LEU A 456 8.50 14.24 15.86
N ILE A 457 7.93 15.25 16.51
CA ILE A 457 6.85 16.03 15.91
C ILE A 457 7.32 16.70 14.64
N MET A 458 8.54 17.22 14.68
CA MET A 458 9.11 17.89 13.52
C MET A 458 9.29 16.90 12.39
N ILE A 459 9.64 15.67 12.74
CA ILE A 459 9.69 14.61 11.74
C ILE A 459 8.29 14.30 11.16
N LEU A 460 7.29 14.20 12.04
CA LEU A 460 5.91 14.02 11.60
C LEU A 460 5.50 15.10 10.62
N ALA A 461 5.83 16.34 10.94
CA ALA A 461 5.52 17.46 10.05
C ALA A 461 6.30 17.36 8.74
N GLU A 462 7.60 17.06 8.85
CA GLU A 462 8.45 16.88 7.67
C GLU A 462 7.85 15.92 6.68
N ASN A 463 7.53 14.72 7.15
CA ASN A 463 7.02 13.67 6.27
C ASN A 463 5.68 14.05 5.64
N ALA A 464 4.95 14.96 6.29
CA ALA A 464 3.69 15.45 5.74
C ALA A 464 3.92 16.65 4.81
N GLY A 465 5.19 16.98 4.58
CA GLY A 465 5.54 18.08 3.70
C GLY A 465 5.20 19.42 4.29
N LEU A 466 5.14 19.49 5.62
CA LEU A 466 4.82 20.73 6.33
C LEU A 466 6.08 21.36 6.93
N ASP A 467 5.97 22.61 7.36
CA ASP A 467 7.08 23.30 7.99
C ASP A 467 7.17 22.85 9.45
N PRO A 468 8.23 22.11 9.80
CA PRO A 468 8.28 21.48 11.13
C PRO A 468 8.28 22.47 12.30
N ILE A 469 9.16 23.47 12.27
CA ILE A 469 9.25 24.45 13.35
C ILE A 469 7.91 25.15 13.55
N ASP A 470 7.32 25.66 12.47
CA ASP A 470 6.03 26.34 12.55
C ASP A 470 5.01 25.51 13.31
N LYS A 471 4.69 24.33 12.77
CA LYS A 471 3.73 23.42 13.41
C LYS A 471 4.11 23.15 14.87
N LEU A 472 5.40 22.95 15.13
CA LEU A 472 5.86 22.75 16.50
C LEU A 472 5.49 23.92 17.40
N MET A 473 6.11 25.08 17.17
CA MET A 473 5.85 26.26 17.99
C MET A 473 4.35 26.56 18.09
N GLN A 474 3.64 26.26 17.02
CA GLN A 474 2.19 26.44 16.97
C GLN A 474 1.51 25.56 18.02
N LEU A 475 1.80 24.26 18.00
CA LEU A 475 1.22 23.34 18.98
C LEU A 475 1.69 23.66 20.40
N ARG A 476 3.00 23.85 20.55
CA ARG A 476 3.59 24.23 21.83
C ARG A 476 2.85 25.43 22.42
N SER A 477 2.59 26.42 21.57
CA SER A 477 1.82 27.60 22.00
C SER A 477 0.39 27.25 22.39
N LEU A 478 -0.29 26.49 21.54
CA LEU A 478 -1.66 26.08 21.84
C LEU A 478 -1.75 25.22 23.10
N HIS A 479 -0.67 24.51 23.41
CA HIS A 479 -0.68 23.58 24.54
C HIS A 479 -0.46 24.27 25.89
N GLU A 480 -0.52 25.60 25.91
CA GLU A 480 -0.40 26.33 27.16
C GLU A 480 -1.68 26.18 27.99
N ASN A 481 -2.81 25.96 27.33
CA ASN A 481 -4.06 25.63 28.02
C ASN A 481 -4.11 24.15 28.33
N GLU A 482 -4.67 23.79 29.47
CA GLU A 482 -4.86 22.37 29.80
C GLU A 482 -6.01 21.81 28.95
N THR A 483 -6.80 22.70 28.35
CA THR A 483 -7.94 22.32 27.53
C THR A 483 -7.51 21.84 26.15
N ASN A 484 -6.21 21.88 25.90
CA ASN A 484 -5.64 21.45 24.62
C ASN A 484 -4.62 20.34 24.79
N LYS A 485 -4.80 19.51 25.81
CA LYS A 485 -3.88 18.42 26.09
C LYS A 485 -3.84 17.40 24.95
N TRP A 486 -4.90 17.38 24.15
CA TRP A 486 -5.02 16.42 23.05
C TRP A 486 -4.87 17.10 21.70
N TYR A 487 -4.56 18.39 21.71
CA TYR A 487 -4.33 19.12 20.45
C TYR A 487 -3.02 18.68 19.82
N GLY A 488 -3.13 18.03 18.66
CA GLY A 488 -1.97 17.56 17.93
C GLY A 488 -2.05 17.98 16.47
N LEU A 489 -1.12 17.50 15.67
CA LEU A 489 -1.01 17.93 14.29
C LEU A 489 -1.85 17.07 13.36
N ASN A 490 -2.68 17.72 12.54
CA ASN A 490 -3.41 17.03 11.48
C ASN A 490 -2.59 17.12 10.19
N LEU A 491 -1.93 16.01 9.85
CA LEU A 491 -0.96 16.00 8.75
C LEU A 491 -1.58 16.21 7.37
N PHE A 492 -2.91 16.15 7.30
CA PHE A 492 -3.61 16.27 6.01
C PHE A 492 -4.16 17.67 5.79
N THR A 493 -4.57 18.32 6.87
CA THR A 493 -5.07 19.69 6.79
C THR A 493 -3.96 20.69 7.09
N GLY A 494 -2.93 20.22 7.81
CA GLY A 494 -1.80 21.06 8.17
C GLY A 494 -2.02 21.86 9.44
N ASN A 495 -3.23 21.81 9.97
CA ASN A 495 -3.60 22.63 11.12
C ASN A 495 -3.70 21.82 12.41
N PRO A 496 -3.37 22.44 13.55
CA PRO A 496 -3.48 21.75 14.84
C PRO A 496 -4.94 21.51 15.23
N GLU A 497 -5.25 20.30 15.69
CA GLU A 497 -6.62 19.93 16.03
C GLU A 497 -6.66 18.94 17.18
N ASP A 498 -7.83 18.85 17.82
CA ASP A 498 -8.02 17.95 18.94
C ASP A 498 -7.97 16.51 18.46
N MET A 499 -6.80 15.89 18.58
CA MET A 499 -6.53 14.58 17.99
C MET A 499 -7.40 13.47 18.57
N TRP A 500 -7.89 13.67 19.79
CA TRP A 500 -8.75 12.67 20.40
C TRP A 500 -10.10 12.65 19.68
N LYS A 501 -10.58 13.84 19.30
CA LYS A 501 -11.85 13.97 18.62
C LYS A 501 -11.76 13.53 17.16
N LEU A 502 -10.59 13.69 16.57
CA LEU A 502 -10.38 13.30 15.16
C LEU A 502 -10.21 11.80 15.02
N GLY A 503 -10.18 11.09 16.14
CA GLY A 503 -9.99 9.65 16.13
C GLY A 503 -8.57 9.26 15.77
N VAL A 504 -7.63 10.08 16.20
CA VAL A 504 -6.20 9.78 16.08
C VAL A 504 -5.71 9.34 17.46
N ILE A 505 -5.75 8.03 17.70
CA ILE A 505 -5.58 7.49 19.06
C ILE A 505 -4.54 6.38 19.10
N GLU A 506 -3.67 6.45 20.10
CA GLU A 506 -2.58 5.48 20.26
C GLU A 506 -2.64 4.80 21.62
N PRO A 507 -2.03 3.62 21.75
CA PRO A 507 -1.92 2.95 23.05
C PRO A 507 -0.81 3.58 23.91
N ALA A 508 -1.10 3.84 25.18
CA ALA A 508 -0.12 4.45 26.06
C ALA A 508 1.05 3.52 26.31
N LEU A 509 0.74 2.25 26.58
CA LEU A 509 1.73 1.22 26.83
C LEU A 509 2.86 1.24 25.80
N VAL A 510 2.48 1.33 24.53
CA VAL A 510 3.44 1.37 23.44
C VAL A 510 4.39 2.56 23.56
N LYS A 511 3.82 3.75 23.71
CA LYS A 511 4.61 4.98 23.79
C LYS A 511 5.54 4.95 25.00
N MET A 512 5.02 4.54 26.14
CA MET A 512 5.84 4.36 27.34
C MET A 512 7.00 3.41 27.07
N ASN A 513 6.68 2.22 26.57
CA ASN A 513 7.70 1.23 26.27
C ASN A 513 8.73 1.74 25.28
N ALA A 514 8.27 2.54 24.32
CA ALA A 514 9.18 3.15 23.34
C ALA A 514 10.13 4.12 24.02
N VAL A 515 9.58 5.02 24.83
CA VAL A 515 10.42 5.93 25.62
C VAL A 515 11.47 5.17 26.44
N LYS A 516 11.02 4.16 27.19
CA LYS A 516 11.92 3.27 27.92
C LYS A 516 13.02 2.71 27.02
N ALA A 517 12.63 2.13 25.90
CA ALA A 517 13.58 1.50 24.96
C ALA A 517 14.63 2.48 24.44
N ALA A 518 14.17 3.65 23.99
CA ALA A 518 15.08 4.68 23.49
C ALA A 518 16.04 5.16 24.57
N THR A 519 15.50 5.46 25.76
CA THR A 519 16.34 5.88 26.86
C THR A 519 17.39 4.84 27.22
N GLU A 520 16.96 3.58 27.32
CA GLU A 520 17.88 2.47 27.57
C GLU A 520 18.99 2.43 26.52
N ALA A 521 18.59 2.46 25.24
CA ALA A 521 19.55 2.43 24.14
C ALA A 521 20.60 3.54 24.26
N VAL A 522 20.15 4.78 24.39
CA VAL A 522 21.10 5.89 24.43
C VAL A 522 21.95 5.89 25.70
N THR A 523 21.35 5.57 26.85
CA THR A 523 22.14 5.47 28.09
C THR A 523 23.20 4.38 27.93
N LEU A 524 22.82 3.26 27.32
CA LEU A 524 23.78 2.19 27.05
C LEU A 524 24.94 2.70 26.22
N VAL A 525 24.62 3.30 25.07
CA VAL A 525 25.66 3.87 24.21
C VAL A 525 26.53 4.87 24.97
N LEU A 526 25.90 5.69 25.80
CA LEU A 526 26.62 6.69 26.57
C LEU A 526 27.57 6.08 27.60
N ARG A 527 27.13 5.05 28.30
CA ARG A 527 27.96 4.42 29.33
C ARG A 527 29.21 3.73 28.77
N ILE A 528 29.21 3.42 27.48
CA ILE A 528 30.33 2.69 26.89
C ILE A 528 31.50 3.62 26.58
N ASP A 529 32.68 3.22 27.03
CA ASP A 529 33.87 4.04 26.98
C ASP A 529 34.77 3.67 25.82
N ASP A 530 34.87 2.37 25.57
CA ASP A 530 35.79 1.85 24.57
C ASP A 530 35.27 0.52 24.02
N ILE A 531 35.83 0.10 22.88
CA ILE A 531 35.49 -1.18 22.27
C ILE A 531 36.73 -2.05 22.18
N VAL A 532 36.66 -3.23 22.79
CA VAL A 532 37.83 -4.10 22.97
C VAL A 532 37.61 -5.46 22.32
N ALA A 533 38.58 -5.90 21.53
CA ALA A 533 38.51 -7.20 20.87
C ALA A 533 38.72 -8.34 21.88
N ALA A 534 38.11 -9.49 21.61
CA ALA A 534 38.22 -10.63 22.52
C ALA A 534 38.00 -11.94 21.76
N GLY A 535 37.79 -13.02 22.51
CA GLY A 535 37.53 -14.32 21.92
C GLY A 535 36.85 -15.26 22.91
N GLY B 17 16.98 17.85 -5.53
CA GLY B 17 15.89 17.12 -4.92
C GLY B 17 16.36 15.82 -4.27
N ARG B 18 15.41 14.98 -3.88
CA ARG B 18 15.74 13.70 -3.28
C ARG B 18 16.30 12.76 -4.36
N ASP B 19 17.61 12.54 -4.30
CA ASP B 19 18.34 11.86 -5.38
C ASP B 19 17.74 10.51 -5.77
N ALA B 20 17.42 9.69 -4.77
CA ALA B 20 16.87 8.36 -5.03
C ALA B 20 15.59 8.45 -5.86
N LEU B 21 14.68 9.31 -5.42
CA LEU B 21 13.41 9.50 -6.11
C LEU B 21 13.64 9.98 -7.54
N ARG B 22 14.61 10.86 -7.72
CA ARG B 22 14.92 11.37 -9.04
C ARG B 22 15.45 10.26 -9.94
N ASN B 23 16.36 9.45 -9.41
CA ASN B 23 16.89 8.33 -10.18
C ASN B 23 15.76 7.39 -10.60
N ASN B 24 14.88 7.06 -9.65
CA ASN B 24 13.72 6.25 -9.97
C ASN B 24 12.89 6.88 -11.07
N ILE B 25 12.48 8.11 -10.84
CA ILE B 25 11.66 8.85 -11.80
C ILE B 25 12.32 8.86 -13.18
N LEU B 26 13.63 9.01 -13.20
CA LEU B 26 14.37 9.01 -14.45
C LEU B 26 14.22 7.65 -15.13
N ALA B 27 14.54 6.57 -14.40
CA ALA B 27 14.40 5.22 -14.96
C ALA B 27 13.01 4.99 -15.57
N ALA B 28 11.98 5.23 -14.76
CA ALA B 28 10.60 5.09 -15.24
C ALA B 28 10.37 5.95 -16.48
N LYS B 29 10.84 7.19 -16.43
CA LYS B 29 10.65 8.11 -17.53
C LYS B 29 11.33 7.61 -18.81
N THR B 30 12.55 7.08 -18.70
CA THR B 30 13.25 6.57 -19.87
C THR B 30 12.47 5.40 -20.44
N LEU B 31 12.03 4.47 -19.60
CA LEU B 31 11.23 3.35 -20.10
C LEU B 31 9.97 3.86 -20.83
N ALA B 32 9.29 4.82 -20.24
CA ALA B 32 8.16 5.46 -20.90
C ALA B 32 8.57 6.02 -22.27
N GLU B 33 9.66 6.76 -22.30
CA GLU B 33 10.17 7.35 -23.55
C GLU B 33 10.38 6.27 -24.59
N MET B 34 11.00 5.17 -24.18
CA MET B 34 11.18 4.03 -25.06
C MET B 34 9.82 3.58 -25.59
N LEU B 35 8.83 3.43 -24.70
CA LEU B 35 7.52 2.92 -25.14
C LEU B 35 6.60 3.93 -25.86
N ARG B 36 6.88 5.22 -25.72
CA ARG B 36 6.07 6.25 -26.37
C ARG B 36 5.88 6.02 -27.87
N SER B 37 6.93 5.52 -28.51
CA SER B 37 6.93 5.32 -29.96
C SER B 37 5.95 4.24 -30.42
N SER B 38 5.75 3.23 -29.57
CA SER B 38 4.90 2.09 -29.93
C SER B 38 3.45 2.29 -29.51
N LEU B 39 2.99 3.54 -29.52
CA LEU B 39 1.63 3.86 -29.08
C LEU B 39 0.73 4.10 -30.28
N GLY B 40 -0.56 3.82 -30.09
CA GLY B 40 -1.54 4.06 -31.14
C GLY B 40 -1.49 3.02 -32.23
N PRO B 41 -2.31 3.18 -33.27
CA PRO B 41 -2.41 2.22 -34.37
C PRO B 41 -1.20 2.25 -35.31
N LYS B 42 -0.54 3.40 -35.43
CA LYS B 42 0.64 3.53 -36.30
C LYS B 42 1.92 3.51 -35.46
N GLY B 43 1.90 2.73 -34.39
CA GLY B 43 3.04 2.63 -33.50
C GLY B 43 4.18 1.83 -34.09
N LEU B 44 5.40 2.35 -33.95
CA LEU B 44 6.58 1.69 -34.48
C LEU B 44 6.84 0.37 -33.77
N ASP B 45 7.62 -0.50 -34.42
CA ASP B 45 7.91 -1.83 -33.89
C ASP B 45 9.13 -1.81 -33.00
N LYS B 46 9.13 -2.67 -32.00
CA LYS B 46 10.31 -2.91 -31.17
C LYS B 46 10.91 -4.25 -31.54
N MET B 47 12.24 -4.30 -31.50
CA MET B 47 12.99 -5.50 -31.84
C MET B 47 13.52 -6.19 -30.59
N LEU B 48 12.79 -7.19 -30.12
CA LEU B 48 13.17 -7.96 -28.93
C LEU B 48 14.14 -9.09 -29.27
N ILE B 49 15.17 -9.25 -28.44
CA ILE B 49 16.24 -10.23 -28.69
C ILE B 49 16.53 -11.09 -27.47
N ASP B 50 16.50 -12.41 -27.64
CA ASP B 50 16.82 -13.35 -26.56
C ASP B 50 18.31 -13.38 -26.28
N SER B 51 18.69 -14.05 -25.19
CA SER B 51 20.10 -14.25 -24.87
C SER B 51 20.76 -15.19 -25.87
N PHE B 52 19.94 -15.88 -26.66
CA PHE B 52 20.43 -16.86 -27.63
C PHE B 52 20.41 -16.30 -29.05
N GLY B 53 20.04 -15.04 -29.20
CA GLY B 53 20.05 -14.37 -30.48
C GLY B 53 18.74 -14.43 -31.24
N ASP B 54 17.77 -15.18 -30.71
CA ASP B 54 16.45 -15.27 -31.32
C ASP B 54 15.75 -13.92 -31.28
N VAL B 55 15.07 -13.56 -32.37
CA VAL B 55 14.49 -12.23 -32.52
C VAL B 55 12.97 -12.24 -32.66
N THR B 56 12.31 -11.42 -31.83
CA THR B 56 10.88 -11.17 -31.96
C THR B 56 10.68 -9.68 -32.22
N ILE B 57 9.89 -9.35 -33.23
CA ILE B 57 9.63 -7.95 -33.59
C ILE B 57 8.15 -7.62 -33.46
N THR B 58 7.83 -6.65 -32.61
CA THR B 58 6.44 -6.37 -32.31
C THR B 58 6.20 -4.95 -31.78
N ASN B 59 5.01 -4.42 -32.04
CA ASN B 59 4.61 -3.12 -31.54
C ASN B 59 3.60 -3.24 -30.39
N ASP B 60 3.39 -4.45 -29.90
CA ASP B 60 2.47 -4.69 -28.79
C ASP B 60 3.18 -4.44 -27.47
N GLY B 61 2.79 -3.37 -26.79
CA GLY B 61 3.37 -3.03 -25.51
C GLY B 61 3.28 -4.14 -24.49
N ALA B 62 2.22 -4.95 -24.58
CA ALA B 62 2.09 -6.12 -23.72
C ALA B 62 3.30 -7.01 -23.90
N THR B 63 3.58 -7.39 -25.14
CA THR B 63 4.70 -8.26 -25.44
C THR B 63 6.03 -7.63 -25.08
N ILE B 64 6.22 -6.37 -25.48
CA ILE B 64 7.45 -5.64 -25.19
C ILE B 64 7.70 -5.64 -23.69
N VAL B 65 6.71 -5.17 -22.93
CA VAL B 65 6.82 -5.09 -21.49
C VAL B 65 7.07 -6.45 -20.84
N LYS B 66 6.29 -7.45 -21.27
CA LYS B 66 6.39 -8.79 -20.71
C LYS B 66 7.77 -9.41 -20.93
N ASP B 67 8.17 -9.53 -22.20
CA ASP B 67 9.38 -10.26 -22.54
C ASP B 67 10.68 -9.53 -22.17
N MET B 68 10.66 -8.19 -22.19
CA MET B 68 11.90 -7.42 -22.07
C MET B 68 12.60 -7.58 -20.74
N GLU B 69 13.90 -7.30 -20.75
CA GLU B 69 14.74 -7.31 -19.56
C GLU B 69 15.01 -5.89 -19.11
N ILE B 70 14.84 -5.63 -17.83
CA ILE B 70 15.12 -4.30 -17.27
C ILE B 70 15.75 -4.44 -15.88
N GLN B 71 16.86 -3.74 -15.68
CA GLN B 71 17.69 -3.92 -14.49
C GLN B 71 17.29 -3.02 -13.33
N HIS B 72 16.89 -1.79 -13.65
CA HIS B 72 16.55 -0.81 -12.61
C HIS B 72 15.25 -1.21 -11.90
N PRO B 73 15.26 -1.19 -10.56
CA PRO B 73 14.08 -1.66 -9.81
C PRO B 73 12.83 -0.80 -9.99
N ALA B 74 12.99 0.51 -10.20
CA ALA B 74 11.86 1.39 -10.42
C ALA B 74 11.13 1.00 -11.71
N ALA B 75 11.89 0.85 -12.78
CA ALA B 75 11.34 0.42 -14.06
C ALA B 75 10.70 -0.95 -13.92
N LYS B 76 11.37 -1.83 -13.17
CA LYS B 76 10.84 -3.15 -12.87
C LYS B 76 9.45 -3.05 -12.22
N LEU B 77 9.35 -2.20 -11.21
CA LEU B 77 8.08 -1.94 -10.54
C LEU B 77 7.02 -1.45 -11.52
N LEU B 78 7.38 -0.45 -12.32
CA LEU B 78 6.49 0.08 -13.33
C LEU B 78 5.99 -1.04 -14.26
N VAL B 79 6.92 -1.89 -14.69
CA VAL B 79 6.59 -3.06 -15.50
C VAL B 79 5.62 -3.98 -14.76
N GLU B 80 5.86 -4.21 -13.47
CA GLU B 80 4.94 -5.03 -12.67
C GLU B 80 3.52 -4.48 -12.70
N ALA B 81 3.40 -3.17 -12.47
CA ALA B 81 2.10 -2.51 -12.56
C ALA B 81 1.48 -2.73 -13.95
N ALA B 82 2.29 -2.52 -14.99
CA ALA B 82 1.82 -2.73 -16.36
C ALA B 82 1.31 -4.16 -16.61
N LYS B 83 2.09 -5.14 -16.21
CA LYS B 83 1.71 -6.55 -16.36
C LYS B 83 0.40 -6.84 -15.66
N ALA B 84 0.30 -6.43 -14.40
CA ALA B 84 -0.94 -6.59 -13.65
C ALA B 84 -2.11 -5.96 -14.38
N GLN B 85 -1.87 -4.75 -14.88
CA GLN B 85 -2.87 -4.06 -15.70
C GLN B 85 -3.23 -4.88 -16.93
N ASP B 86 -2.23 -5.51 -17.55
CA ASP B 86 -2.47 -6.35 -18.73
C ASP B 86 -3.24 -7.62 -18.38
N ALA B 87 -3.03 -8.12 -17.16
CA ALA B 87 -3.78 -9.28 -16.69
C ALA B 87 -5.23 -8.93 -16.40
N GLU B 88 -5.46 -7.89 -15.60
CA GLU B 88 -6.82 -7.50 -15.23
C GLU B 88 -7.66 -7.11 -16.44
N VAL B 89 -7.00 -6.62 -17.48
CA VAL B 89 -7.68 -6.27 -18.72
C VAL B 89 -6.68 -6.36 -19.88
N GLY B 90 -7.12 -6.93 -20.99
CA GLY B 90 -6.22 -7.25 -22.09
C GLY B 90 -5.51 -6.09 -22.73
N ASP B 91 -6.12 -4.90 -22.68
CA ASP B 91 -5.59 -3.73 -23.37
C ASP B 91 -5.01 -2.69 -22.42
N GLY B 92 -4.36 -1.69 -23.00
CA GLY B 92 -3.94 -0.51 -22.27
C GLY B 92 -2.59 -0.64 -21.58
N THR B 93 -1.80 -1.61 -21.99
CA THR B 93 -0.52 -1.85 -21.33
C THR B 93 0.46 -0.72 -21.62
N THR B 94 0.52 -0.26 -22.86
CA THR B 94 1.41 0.85 -23.22
C THR B 94 0.92 2.14 -22.58
N SER B 95 -0.38 2.38 -22.67
CA SER B 95 -0.99 3.61 -22.14
C SER B 95 -0.64 3.80 -20.66
N ALA B 96 -0.70 2.73 -19.89
CA ALA B 96 -0.44 2.82 -18.45
C ALA B 96 1.00 3.28 -18.19
N VAL B 97 1.95 2.63 -18.86
CA VAL B 97 3.35 2.96 -18.68
C VAL B 97 3.65 4.38 -19.13
N VAL B 98 3.16 4.72 -20.32
CA VAL B 98 3.32 6.06 -20.86
C VAL B 98 2.76 7.10 -19.89
N LEU B 99 1.55 6.83 -19.40
CA LEU B 99 0.90 7.74 -18.47
C LEU B 99 1.63 7.82 -17.14
N ALA B 100 2.17 6.71 -16.67
CA ALA B 100 2.92 6.69 -15.42
C ALA B 100 4.18 7.57 -15.55
N GLY B 101 4.97 7.27 -16.58
CA GLY B 101 6.15 8.06 -16.88
C GLY B 101 5.80 9.53 -17.04
N ALA B 102 4.67 9.80 -17.68
CA ALA B 102 4.19 11.17 -17.81
C ALA B 102 3.95 11.80 -16.45
N LEU B 103 3.17 11.12 -15.62
CA LEU B 103 2.86 11.61 -14.27
C LEU B 103 4.14 11.93 -13.51
N LEU B 104 5.12 11.03 -13.57
CA LEU B 104 6.40 11.28 -12.92
C LEU B 104 7.12 12.49 -13.52
N GLU B 105 7.14 12.58 -14.86
CA GLU B 105 7.78 13.72 -15.51
C GLU B 105 7.14 15.04 -15.09
N LYS B 106 5.81 15.06 -15.01
CA LYS B 106 5.11 16.28 -14.60
C LYS B 106 5.34 16.55 -13.11
N ALA B 107 5.44 15.48 -12.33
CA ALA B 107 5.76 15.59 -10.90
C ALA B 107 7.12 16.26 -10.71
N GLU B 108 8.07 15.87 -11.53
CA GLU B 108 9.42 16.45 -11.50
C GLU B 108 9.38 17.98 -11.36
N SER B 109 8.57 18.63 -12.18
CA SER B 109 8.43 20.08 -12.14
C SER B 109 8.04 20.57 -10.74
N LEU B 110 7.20 19.79 -10.07
CA LEU B 110 6.71 20.16 -8.75
C LEU B 110 7.77 19.87 -7.69
N LEU B 111 8.45 18.73 -7.83
CA LEU B 111 9.56 18.43 -6.93
C LEU B 111 10.60 19.55 -7.02
N ASP B 112 10.83 20.04 -8.24
CA ASP B 112 11.78 21.15 -8.45
C ASP B 112 11.31 22.43 -7.75
N GLN B 113 10.00 22.62 -7.63
CA GLN B 113 9.45 23.78 -6.92
C GLN B 113 9.41 23.53 -5.42
N ASN B 114 10.11 22.48 -4.98
CA ASN B 114 10.26 22.18 -3.56
C ASN B 114 8.97 21.68 -2.92
N ILE B 115 8.13 21.03 -3.71
CA ILE B 115 6.89 20.43 -3.21
C ILE B 115 7.12 18.98 -2.79
N HIS B 116 6.88 18.69 -1.50
CA HIS B 116 7.09 17.37 -0.94
C HIS B 116 6.23 16.31 -1.64
N PRO B 117 6.81 15.14 -1.95
CA PRO B 117 6.09 14.14 -2.76
C PRO B 117 4.79 13.58 -2.18
N THR B 118 4.58 13.59 -0.86
CA THR B 118 3.32 13.05 -0.33
C THR B 118 2.16 13.96 -0.71
N ILE B 119 2.44 15.26 -0.77
CA ILE B 119 1.46 16.24 -1.25
C ILE B 119 1.11 15.92 -2.71
N ILE B 120 2.14 15.76 -3.53
CA ILE B 120 1.95 15.39 -4.93
C ILE B 120 1.14 14.10 -5.03
N ILE B 121 1.49 13.11 -4.22
CA ILE B 121 0.74 11.85 -4.18
C ILE B 121 -0.74 12.10 -3.87
N GLU B 122 -1.00 12.94 -2.87
CA GLU B 122 -2.37 13.26 -2.51
C GLU B 122 -3.10 13.91 -3.68
N GLY B 123 -2.46 14.90 -4.29
CA GLY B 123 -3.04 15.58 -5.45
C GLY B 123 -3.37 14.61 -6.56
N TYR B 124 -2.40 13.75 -6.90
CA TYR B 124 -2.62 12.73 -7.92
C TYR B 124 -3.76 11.80 -7.53
N LYS B 125 -3.83 11.43 -6.26
CA LYS B 125 -4.92 10.58 -5.78
C LYS B 125 -6.28 11.25 -6.01
N LYS B 126 -6.39 12.51 -5.60
CA LYS B 126 -7.61 13.27 -5.81
C LYS B 126 -7.96 13.38 -7.30
N ALA B 127 -6.97 13.71 -8.11
CA ALA B 127 -7.17 13.79 -9.56
C ALA B 127 -7.72 12.48 -10.10
N TYR B 128 -7.08 11.37 -9.71
CA TYR B 128 -7.50 10.05 -10.16
C TYR B 128 -8.92 9.72 -9.75
N ASN B 129 -9.24 9.94 -8.47
CA ASN B 129 -10.60 9.72 -7.99
C ASN B 129 -11.62 10.53 -8.79
N LYS B 130 -11.33 11.82 -8.97
CA LYS B 130 -12.20 12.68 -9.75
C LYS B 130 -12.36 12.16 -11.17
N ALA B 131 -11.25 11.79 -11.80
CA ALA B 131 -11.28 11.26 -13.16
C ALA B 131 -12.17 10.03 -13.24
N LEU B 132 -11.95 9.08 -12.33
CA LEU B 132 -12.72 7.86 -12.30
C LEU B 132 -14.19 8.16 -12.01
N GLU B 133 -14.44 9.20 -11.23
CA GLU B 133 -15.80 9.68 -10.99
C GLU B 133 -16.40 10.26 -12.27
N LEU B 134 -15.58 10.97 -13.05
CA LEU B 134 -16.06 11.63 -14.27
C LEU B 134 -16.23 10.71 -15.48
N LEU B 135 -15.42 9.64 -15.56
CA LEU B 135 -15.47 8.72 -16.69
C LEU B 135 -16.88 8.30 -17.12
N PRO B 136 -17.69 7.79 -16.19
CA PRO B 136 -19.02 7.32 -16.59
C PRO B 136 -19.91 8.44 -17.15
N GLN B 137 -19.72 9.66 -16.67
CA GLN B 137 -20.48 10.80 -17.18
C GLN B 137 -20.09 11.13 -18.61
N LEU B 138 -18.79 11.07 -18.88
CA LEU B 138 -18.24 11.47 -20.18
C LEU B 138 -18.40 10.36 -21.23
N GLY B 139 -18.94 9.23 -20.83
CA GLY B 139 -19.12 8.09 -21.71
C GLY B 139 -20.48 8.06 -22.37
N THR B 140 -20.75 6.96 -23.08
CA THR B 140 -22.04 6.74 -23.72
C THR B 140 -22.45 5.28 -23.61
N ARG B 141 -23.67 5.03 -23.16
CA ARG B 141 -24.12 3.67 -22.91
C ARG B 141 -24.42 2.91 -24.20
N ILE B 142 -24.48 1.60 -24.08
CA ILE B 142 -24.89 0.73 -25.19
C ILE B 142 -26.02 -0.18 -24.73
N ASP B 143 -26.68 -0.83 -25.68
CA ASP B 143 -27.84 -1.67 -25.39
C ASP B 143 -27.43 -3.07 -24.92
N ILE B 144 -27.64 -3.30 -23.63
CA ILE B 144 -27.39 -4.60 -22.99
C ILE B 144 -28.69 -5.36 -22.81
N LYS B 145 -29.80 -4.65 -22.95
CA LYS B 145 -31.13 -5.23 -22.75
C LYS B 145 -31.36 -6.42 -23.67
N ASP B 146 -30.80 -6.33 -24.88
CA ASP B 146 -30.99 -7.36 -25.89
C ASP B 146 -29.78 -7.44 -26.82
N LEU B 147 -29.59 -8.62 -27.41
CA LEU B 147 -28.60 -8.81 -28.46
C LEU B 147 -29.31 -8.66 -29.81
N ASN B 148 -30.32 -7.81 -29.85
CA ASN B 148 -31.24 -7.76 -30.98
C ASN B 148 -30.55 -7.48 -32.32
N SER B 149 -31.21 -7.91 -33.39
CA SER B 149 -30.63 -7.85 -34.73
C SER B 149 -30.27 -6.44 -35.17
N SER B 150 -31.15 -5.48 -34.88
CA SER B 150 -31.01 -4.12 -35.41
C SER B 150 -29.79 -3.40 -34.85
N VAL B 151 -28.73 -3.36 -35.66
CA VAL B 151 -27.57 -2.49 -35.48
C VAL B 151 -26.95 -2.41 -34.07
N ALA B 152 -27.26 -3.36 -33.20
CA ALA B 152 -26.62 -3.42 -31.89
C ALA B 152 -25.26 -4.10 -32.01
N ARG B 153 -25.20 -5.09 -32.89
CA ARG B 153 -23.99 -5.88 -33.08
C ARG B 153 -23.07 -5.24 -34.10
N ASP B 154 -23.68 -4.68 -35.14
CA ASP B 154 -22.92 -4.06 -36.23
C ASP B 154 -22.04 -2.92 -35.73
N THR B 155 -22.46 -2.28 -34.65
CA THR B 155 -21.70 -1.18 -34.06
C THR B 155 -20.51 -1.70 -33.26
N LEU B 156 -20.63 -2.92 -32.72
CA LEU B 156 -19.54 -3.56 -32.00
C LEU B 156 -18.43 -4.00 -32.96
N ARG B 157 -18.85 -4.51 -34.11
CA ARG B 157 -17.93 -4.92 -35.18
C ARG B 157 -16.97 -3.79 -35.54
N LYS B 158 -17.49 -2.58 -35.59
CA LYS B 158 -16.68 -1.42 -35.89
C LYS B 158 -15.56 -1.27 -34.86
N ILE B 159 -15.91 -1.48 -33.59
CA ILE B 159 -14.92 -1.43 -32.53
C ILE B 159 -13.94 -2.58 -32.69
N ALA B 160 -14.45 -3.74 -33.07
CA ALA B 160 -13.60 -4.90 -33.33
C ALA B 160 -12.54 -4.56 -34.38
N PHE B 161 -12.96 -3.98 -35.50
CA PHE B 161 -12.01 -3.59 -36.53
C PHE B 161 -11.10 -2.47 -36.04
N THR B 162 -11.65 -1.54 -35.27
CA THR B 162 -10.86 -0.46 -34.67
C THR B 162 -9.72 -1.05 -33.83
N THR B 163 -10.02 -2.15 -33.14
CA THR B 163 -9.00 -2.87 -32.39
C THR B 163 -8.02 -3.59 -33.31
N LEU B 164 -8.56 -4.29 -34.31
CA LEU B 164 -7.74 -5.05 -35.26
C LEU B 164 -6.72 -4.19 -36.00
N ALA B 165 -7.17 -3.08 -36.57
CA ALA B 165 -6.30 -2.23 -37.37
C ALA B 165 -5.16 -1.66 -36.53
N LEU B 175 -11.58 -6.51 -44.75
CA LEU B 175 -11.98 -7.86 -44.37
C LEU B 175 -13.50 -8.01 -44.46
N ASN B 176 -14.00 -8.27 -45.67
CA ASN B 176 -15.43 -8.44 -45.89
C ASN B 176 -16.00 -9.64 -45.16
N LYS B 177 -15.18 -10.67 -45.02
CA LYS B 177 -15.60 -11.92 -44.39
C LYS B 177 -15.03 -12.05 -42.98
N ILE B 178 -15.31 -13.17 -42.32
CA ILE B 178 -14.82 -13.44 -40.97
C ILE B 178 -15.44 -12.45 -39.96
N ILE B 179 -16.43 -11.70 -40.41
CA ILE B 179 -17.08 -10.70 -39.59
C ILE B 179 -18.11 -11.31 -38.64
N ASP B 180 -19.20 -11.80 -39.22
CA ASP B 180 -20.29 -12.42 -38.46
C ASP B 180 -19.80 -13.52 -37.53
N MET B 181 -18.85 -14.30 -38.05
CA MET B 181 -18.39 -15.53 -37.40
C MET B 181 -17.88 -15.30 -35.98
N VAL B 182 -17.00 -14.33 -35.82
CA VAL B 182 -16.42 -14.04 -34.51
C VAL B 182 -17.51 -13.60 -33.53
N ILE B 183 -18.38 -12.70 -33.98
CA ILE B 183 -19.48 -12.23 -33.14
C ILE B 183 -20.35 -13.40 -32.69
N ASP B 184 -20.79 -14.22 -33.63
CA ASP B 184 -21.61 -15.38 -33.30
C ASP B 184 -20.88 -16.31 -32.33
N ALA B 185 -19.61 -16.59 -32.62
CA ALA B 185 -18.79 -17.41 -31.74
C ALA B 185 -18.69 -16.82 -30.35
N ILE B 186 -18.71 -15.49 -30.28
CA ILE B 186 -18.70 -14.80 -28.99
C ILE B 186 -20.10 -14.79 -28.34
N VAL B 187 -21.16 -14.72 -29.14
CA VAL B 187 -22.52 -14.68 -28.61
C VAL B 187 -22.90 -16.03 -28.00
N ASN B 188 -22.30 -17.10 -28.53
CA ASN B 188 -22.44 -18.46 -28.00
C ASN B 188 -22.34 -18.53 -26.49
N VAL B 189 -21.49 -17.67 -25.93
CA VAL B 189 -21.10 -17.82 -24.56
C VAL B 189 -22.06 -16.96 -23.76
N ALA B 190 -22.60 -17.61 -22.76
CA ALA B 190 -24.01 -17.46 -22.40
C ALA B 190 -24.55 -16.09 -22.04
N GLU B 191 -23.77 -15.34 -21.27
CA GLU B 191 -24.39 -14.65 -20.14
C GLU B 191 -24.77 -13.18 -20.09
N PRO B 192 -26.06 -12.92 -19.84
CA PRO B 192 -26.34 -11.61 -19.28
C PRO B 192 -25.99 -11.57 -17.80
N LEU B 193 -25.76 -10.40 -17.23
CA LEU B 193 -25.88 -10.25 -15.79
C LEU B 193 -26.54 -8.89 -15.66
N PRO B 194 -27.39 -8.72 -14.62
CA PRO B 194 -28.23 -7.53 -14.51
C PRO B 194 -27.48 -6.46 -13.72
N ASN B 195 -27.41 -5.29 -14.34
CA ASN B 195 -26.28 -4.36 -14.28
C ASN B 195 -25.56 -4.54 -15.63
N GLY B 196 -26.14 -5.41 -16.46
CA GLY B 196 -25.71 -5.59 -17.84
C GLY B 196 -24.29 -6.12 -17.96
N GLY B 197 -23.88 -7.05 -17.09
CA GLY B 197 -22.47 -7.32 -16.88
C GLY B 197 -22.02 -8.70 -17.34
N TYR B 198 -21.81 -8.82 -18.65
CA TYR B 198 -21.70 -10.12 -19.30
C TYR B 198 -20.36 -10.76 -18.93
N ASN B 199 -20.38 -12.08 -18.71
CA ASN B 199 -19.19 -12.80 -18.26
C ASN B 199 -18.80 -13.86 -19.29
N VAL B 200 -17.51 -13.94 -19.59
CA VAL B 200 -17.01 -14.89 -20.59
C VAL B 200 -15.75 -15.58 -20.10
N SER B 201 -15.76 -16.91 -20.14
CA SER B 201 -14.58 -17.70 -19.81
C SER B 201 -13.77 -17.97 -21.08
N LEU B 202 -12.80 -17.11 -21.36
CA LEU B 202 -11.96 -17.23 -22.55
C LEU B 202 -11.13 -18.50 -22.50
N SER B 395 -3.54 -10.40 -32.33
CA SER B 395 -4.58 -9.46 -32.76
C SER B 395 -5.97 -9.99 -32.39
N ILE B 396 -6.21 -11.26 -32.67
CA ILE B 396 -7.47 -11.91 -32.32
C ILE B 396 -7.70 -11.82 -30.82
N ASN B 397 -6.65 -12.11 -30.05
CA ASN B 397 -6.70 -12.04 -28.60
C ASN B 397 -7.16 -10.67 -28.10
N ASP B 398 -6.50 -9.61 -28.56
CA ASP B 398 -6.83 -8.25 -28.12
C ASP B 398 -8.25 -7.86 -28.55
N ALA B 399 -8.70 -8.37 -29.69
CA ALA B 399 -10.05 -8.11 -30.16
C ALA B 399 -11.08 -8.76 -29.24
N LEU B 400 -10.90 -10.05 -28.98
CA LEU B 400 -11.75 -10.78 -28.05
C LEU B 400 -11.75 -10.08 -26.68
N HIS B 401 -10.55 -9.71 -26.23
CA HIS B 401 -10.38 -8.99 -24.98
C HIS B 401 -11.22 -7.71 -24.98
N ALA B 402 -11.05 -6.91 -26.03
CA ALA B 402 -11.78 -5.66 -26.15
C ALA B 402 -13.29 -5.89 -26.07
N LEU B 403 -13.82 -6.76 -26.93
CA LEU B 403 -15.24 -7.05 -26.95
C LEU B 403 -15.72 -7.46 -25.56
N ARG B 404 -15.04 -8.44 -24.97
CA ARG B 404 -15.32 -8.87 -23.61
C ARG B 404 -15.40 -7.67 -22.68
N ASN B 405 -14.38 -6.82 -22.73
CA ASN B 405 -14.31 -5.63 -21.87
C ASN B 405 -15.46 -4.65 -22.12
N ILE B 406 -15.86 -4.51 -23.38
CA ILE B 406 -17.01 -3.67 -23.72
C ILE B 406 -18.25 -4.19 -23.03
N LEU B 407 -18.48 -5.49 -23.12
CA LEU B 407 -19.67 -6.04 -22.48
C LEU B 407 -19.58 -6.05 -20.96
N LEU B 408 -18.47 -6.54 -20.44
CA LEU B 408 -18.31 -6.80 -19.01
C LEU B 408 -18.85 -5.69 -18.12
N GLU B 409 -18.54 -4.43 -18.43
CA GLU B 409 -19.34 -3.29 -17.95
C GLU B 409 -19.54 -2.42 -19.18
N PRO B 410 -20.80 -2.07 -19.48
CA PRO B 410 -21.00 -1.36 -20.75
C PRO B 410 -21.03 0.17 -20.69
N VAL B 411 -19.91 0.78 -21.07
CA VAL B 411 -19.95 2.14 -21.58
C VAL B 411 -18.84 2.19 -22.61
N ILE B 412 -19.01 3.05 -23.61
CA ILE B 412 -17.96 3.30 -24.58
C ILE B 412 -17.42 4.70 -24.37
N LEU B 413 -16.13 4.86 -24.65
CA LEU B 413 -15.45 6.15 -24.47
C LEU B 413 -14.83 6.61 -25.79
N PRO B 414 -14.84 7.92 -26.07
CA PRO B 414 -14.30 8.44 -27.32
C PRO B 414 -12.78 8.41 -27.38
N GLY B 415 -12.23 7.44 -28.11
CA GLY B 415 -10.79 7.27 -28.18
C GLY B 415 -10.08 8.41 -28.90
N GLY B 416 -8.80 8.19 -29.21
CA GLY B 416 -8.00 9.18 -29.90
C GLY B 416 -7.60 10.35 -29.02
N GLY B 417 -7.68 10.16 -27.71
CA GLY B 417 -7.24 11.17 -26.77
C GLY B 417 -8.32 12.12 -26.27
N ALA B 418 -9.53 12.02 -26.82
CA ALA B 418 -10.62 12.92 -26.44
C ALA B 418 -10.93 12.83 -24.95
N ILE B 419 -10.89 11.62 -24.41
CA ILE B 419 -11.21 11.39 -23.01
C ILE B 419 -10.16 12.08 -22.13
N GLU B 420 -8.89 11.87 -22.45
CA GLU B 420 -7.81 12.50 -21.73
C GLU B 420 -8.00 14.01 -21.71
N LEU B 421 -8.21 14.59 -22.89
CA LEU B 421 -8.41 16.02 -23.04
C LEU B 421 -9.57 16.56 -22.19
N GLU B 422 -10.74 15.94 -22.32
CA GLU B 422 -11.90 16.37 -21.53
C GLU B 422 -11.62 16.23 -20.03
N LEU B 423 -11.13 15.05 -19.65
CA LEU B 423 -10.75 14.79 -18.26
C LEU B 423 -9.81 15.87 -17.73
N ALA B 424 -8.81 16.23 -18.52
CA ALA B 424 -7.86 17.28 -18.14
C ALA B 424 -8.57 18.61 -17.94
N MET B 425 -9.40 18.96 -18.92
CA MET B 425 -10.15 20.22 -18.85
C MET B 425 -11.01 20.30 -17.59
N LYS B 426 -11.65 19.20 -17.23
CA LYS B 426 -12.45 19.16 -16.00
C LYS B 426 -11.54 19.21 -14.75
N LEU B 427 -10.46 18.43 -14.78
CA LEU B 427 -9.56 18.31 -13.65
C LEU B 427 -8.89 19.63 -13.29
N ARG B 428 -8.59 20.46 -14.28
CA ARG B 428 -8.06 21.80 -13.97
C ARG B 428 -9.08 22.63 -13.17
N GLU B 429 -10.32 22.63 -13.62
CA GLU B 429 -11.40 23.31 -12.89
C GLU B 429 -11.48 22.77 -11.47
N TYR B 430 -11.53 21.45 -11.33
CA TYR B 430 -11.53 20.83 -10.00
C TYR B 430 -10.29 21.23 -9.19
N ALA B 431 -9.17 21.34 -9.88
CA ALA B 431 -7.92 21.72 -9.24
C ALA B 431 -8.06 23.11 -8.67
N ARG B 432 -8.70 24.01 -9.41
CA ARG B 432 -8.93 25.36 -8.91
C ARG B 432 -9.79 25.35 -7.64
N SER B 433 -10.61 24.32 -7.46
CA SER B 433 -11.38 24.17 -6.22
C SER B 433 -10.50 23.66 -5.10
N VAL B 434 -9.74 22.59 -5.35
CA VAL B 434 -8.83 22.05 -4.35
C VAL B 434 -7.83 23.10 -3.84
N GLY B 435 -7.27 23.88 -4.76
CA GLY B 435 -6.71 25.17 -4.43
C GLY B 435 -5.27 25.24 -3.92
N GLY B 436 -4.78 24.19 -3.28
CA GLY B 436 -3.48 24.26 -2.62
C GLY B 436 -2.32 23.99 -3.53
N LYS B 437 -1.30 23.30 -3.00
CA LYS B 437 -0.25 22.73 -3.83
C LYS B 437 -0.86 21.54 -4.58
N GLU B 438 -1.88 20.96 -3.96
CA GLU B 438 -2.63 19.88 -4.58
C GLU B 438 -3.29 20.35 -5.87
N GLN B 439 -3.56 21.66 -5.99
CA GLN B 439 -4.06 22.21 -7.24
C GLN B 439 -3.00 22.01 -8.31
N LEU B 440 -1.76 22.32 -7.97
CA LEU B 440 -0.64 22.18 -8.90
C LEU B 440 -0.44 20.70 -9.24
N ALA B 441 -0.55 19.84 -8.23
CA ALA B 441 -0.46 18.40 -8.45
C ALA B 441 -1.54 17.89 -9.41
N ILE B 442 -2.78 18.31 -9.19
CA ILE B 442 -3.87 17.90 -10.09
C ILE B 442 -3.63 18.44 -11.50
N GLU B 443 -3.36 19.74 -11.60
CA GLU B 443 -3.05 20.35 -12.88
C GLU B 443 -1.92 19.59 -13.59
N ALA B 444 -0.94 19.13 -12.82
CA ALA B 444 0.11 18.28 -13.36
C ALA B 444 -0.46 16.95 -13.87
N PHE B 445 -1.34 16.34 -13.08
CA PHE B 445 -2.05 15.12 -13.52
C PHE B 445 -2.72 15.36 -14.87
N ALA B 446 -3.40 16.50 -15.01
CA ALA B 446 -4.05 16.87 -16.26
C ALA B 446 -3.05 17.00 -17.41
N ASP B 447 -1.99 17.78 -17.20
CA ASP B 447 -0.95 17.90 -18.20
C ASP B 447 -0.42 16.53 -18.59
N ALA B 448 -0.30 15.65 -17.60
CA ALA B 448 0.18 14.30 -17.84
C ALA B 448 -0.84 13.50 -18.66
N LEU B 449 -2.12 13.71 -18.40
CA LEU B 449 -3.16 13.09 -19.23
C LEU B 449 -3.09 13.57 -20.68
N GLU B 450 -2.85 14.86 -20.87
CA GLU B 450 -2.79 15.39 -22.23
C GLU B 450 -1.60 14.91 -23.06
N GLU B 451 -0.70 14.11 -22.47
CA GLU B 451 0.48 13.62 -23.19
C GLU B 451 0.14 12.52 -24.20
N ILE B 452 -0.97 11.84 -24.00
CA ILE B 452 -1.35 10.77 -24.91
C ILE B 452 -1.85 11.33 -26.26
N PRO B 453 -2.80 12.28 -26.22
CA PRO B 453 -3.22 12.95 -27.46
C PRO B 453 -2.04 13.51 -28.25
N LEU B 454 -1.07 14.03 -27.51
CA LEU B 454 0.16 14.57 -28.09
C LEU B 454 0.87 13.48 -28.89
N ILE B 455 1.14 12.35 -28.25
CA ILE B 455 1.82 11.24 -28.89
C ILE B 455 1.04 10.74 -30.11
N LEU B 456 -0.26 10.54 -29.95
CA LEU B 456 -1.09 10.12 -31.07
C LEU B 456 -0.96 11.12 -32.22
N ALA B 457 -1.00 12.40 -31.89
CA ALA B 457 -0.78 13.44 -32.90
C ALA B 457 0.61 13.33 -33.50
N GLU B 458 1.60 12.95 -32.71
CA GLU B 458 2.95 12.77 -33.23
C GLU B 458 2.97 11.62 -34.24
N THR B 459 2.27 10.53 -33.94
CA THR B 459 2.17 9.41 -34.88
C THR B 459 1.37 9.81 -36.12
N ALA B 460 0.39 10.71 -35.95
CA ALA B 460 -0.32 11.28 -37.09
C ALA B 460 0.62 12.10 -37.98
N GLY B 461 1.67 12.65 -37.40
CA GLY B 461 2.74 13.31 -38.15
C GLY B 461 3.02 14.75 -37.79
N LEU B 462 1.97 15.54 -37.64
CA LEU B 462 2.11 17.00 -37.50
C LEU B 462 2.75 17.44 -36.18
N GLU B 463 3.08 18.74 -36.07
CA GLU B 463 3.73 19.26 -34.86
C GLU B 463 2.78 19.14 -33.67
N ALA B 464 3.17 18.27 -32.74
CA ALA B 464 2.31 17.85 -31.64
C ALA B 464 1.64 19.01 -30.89
N ILE B 465 2.44 20.00 -30.50
CA ILE B 465 1.95 21.07 -29.64
C ILE B 465 0.78 21.84 -30.25
N SER B 466 0.94 22.24 -31.51
CA SER B 466 -0.10 22.99 -32.21
C SER B 466 -1.42 22.22 -32.21
N SER B 467 -1.34 20.92 -32.49
CA SER B 467 -2.52 20.06 -32.47
C SER B 467 -3.11 19.94 -31.08
N LEU B 468 -2.25 19.75 -30.08
CA LEU B 468 -2.71 19.72 -28.69
C LEU B 468 -3.53 20.96 -28.37
N MET B 469 -2.99 22.12 -28.76
CA MET B 469 -3.68 23.38 -28.56
C MET B 469 -5.01 23.44 -29.29
N ASP B 470 -5.01 23.05 -30.56
CA ASP B 470 -6.26 23.00 -31.33
C ASP B 470 -7.31 22.14 -30.65
N LEU B 471 -6.93 20.92 -30.29
CA LEU B 471 -7.81 19.99 -29.59
C LEU B 471 -8.38 20.63 -28.33
N ARG B 472 -7.47 21.13 -27.49
CA ARG B 472 -7.87 21.84 -26.27
C ARG B 472 -8.91 22.92 -26.58
N ALA B 473 -8.61 23.73 -27.60
CA ALA B 473 -9.53 24.74 -28.11
C ALA B 473 -10.91 24.17 -28.33
N ARG B 474 -10.97 23.11 -29.13
CA ARG B 474 -12.23 22.44 -29.40
C ARG B 474 -12.91 21.95 -28.13
N HIS B 475 -12.16 21.33 -27.22
CA HIS B 475 -12.78 20.87 -25.99
C HIS B 475 -13.37 21.99 -25.17
N ALA B 476 -12.73 23.16 -25.19
CA ALA B 476 -13.29 24.34 -24.57
C ALA B 476 -14.69 24.69 -25.11
N LYS B 477 -14.90 24.47 -26.41
CA LYS B 477 -16.06 25.03 -27.12
C LYS B 477 -17.41 24.51 -26.70
N GLY B 478 -17.48 23.23 -26.36
CA GLY B 478 -18.75 22.55 -26.33
C GLY B 478 -18.74 21.68 -27.57
N LEU B 479 -17.59 21.63 -28.24
CA LEU B 479 -17.33 20.57 -29.19
C LEU B 479 -17.15 19.34 -28.30
N SER B 480 -16.63 19.60 -27.11
CA SER B 480 -16.71 18.69 -25.97
C SER B 480 -15.87 17.43 -26.20
N ASN B 481 -16.13 16.73 -27.29
CA ASN B 481 -15.23 15.67 -27.72
C ASN B 481 -14.74 15.95 -29.12
N THR B 482 -13.43 15.95 -29.27
CA THR B 482 -12.81 15.88 -30.57
C THR B 482 -11.56 15.06 -30.35
N GLY B 483 -11.04 14.45 -31.41
CA GLY B 483 -9.90 13.57 -31.25
C GLY B 483 -8.96 13.62 -32.42
N VAL B 484 -7.83 12.93 -32.27
CA VAL B 484 -6.88 12.82 -33.37
C VAL B 484 -7.05 11.46 -34.03
N ASP B 485 -7.47 11.49 -35.29
CA ASP B 485 -7.52 10.28 -36.11
C ASP B 485 -6.14 10.01 -36.68
N VAL B 486 -5.46 9.04 -36.06
CA VAL B 486 -4.07 8.71 -36.38
C VAL B 486 -3.93 8.19 -37.80
N ILE B 487 -4.67 7.12 -38.10
CA ILE B 487 -4.66 6.50 -39.42
C ILE B 487 -5.01 7.53 -40.50
N GLY B 488 -6.07 8.29 -40.26
CA GLY B 488 -6.46 9.36 -41.15
C GLY B 488 -5.43 10.47 -41.19
N GLY B 489 -4.60 10.52 -40.15
CA GLY B 489 -3.57 11.54 -40.04
C GLY B 489 -4.18 12.92 -39.94
N LYS B 490 -5.22 13.05 -39.11
CA LYS B 490 -5.92 14.32 -38.98
C LYS B 490 -6.68 14.41 -37.66
N ILE B 491 -7.07 15.62 -37.29
CA ILE B 491 -7.92 15.83 -36.11
C ILE B 491 -9.37 15.90 -36.58
N VAL B 492 -10.23 15.21 -35.85
CA VAL B 492 -11.60 15.05 -36.26
C VAL B 492 -12.52 15.48 -35.11
N ASP B 493 -13.58 16.17 -35.49
CA ASP B 493 -14.53 16.77 -34.55
C ASP B 493 -15.22 15.73 -33.70
N ASP B 494 -15.61 14.61 -34.30
CA ASP B 494 -16.22 13.52 -33.56
C ASP B 494 -15.50 12.21 -33.88
N VAL B 495 -15.00 11.56 -32.83
CA VAL B 495 -14.29 10.29 -32.99
C VAL B 495 -15.23 9.09 -32.91
N TYR B 496 -16.48 9.32 -32.48
CA TYR B 496 -17.48 8.27 -32.52
C TYR B 496 -17.90 8.01 -33.97
N ALA B 497 -17.95 9.09 -34.75
CA ALA B 497 -18.32 9.00 -36.16
C ALA B 497 -17.39 8.05 -36.91
N LEU B 498 -16.11 8.10 -36.57
CA LEU B 498 -15.12 7.22 -37.18
C LEU B 498 -14.93 5.97 -36.34
N ASN B 499 -15.87 5.73 -35.42
CA ASN B 499 -15.87 4.54 -34.58
C ASN B 499 -14.54 4.30 -33.87
N ILE B 500 -13.92 5.38 -33.41
CA ILE B 500 -12.74 5.29 -32.56
C ILE B 500 -13.20 5.23 -31.12
N ILE B 501 -13.24 4.02 -30.57
CA ILE B 501 -13.89 3.75 -29.29
C ILE B 501 -12.99 3.00 -28.33
N GLU B 502 -13.13 3.30 -27.04
CA GLU B 502 -12.43 2.58 -25.97
C GLU B 502 -13.41 2.08 -24.92
N PRO B 503 -13.21 0.85 -24.43
CA PRO B 503 -14.03 0.41 -23.29
C PRO B 503 -13.64 1.10 -22.00
N ILE B 504 -14.61 1.58 -21.23
CA ILE B 504 -14.32 2.27 -19.98
C ILE B 504 -13.56 1.35 -19.03
N ARG B 505 -13.88 0.07 -19.11
CA ARG B 505 -13.18 -0.99 -18.38
C ARG B 505 -11.67 -0.86 -18.54
N VAL B 506 -11.23 -0.56 -19.76
CA VAL B 506 -9.81 -0.43 -20.05
C VAL B 506 -9.25 0.88 -19.52
N LYS B 507 -9.87 1.99 -19.91
CA LYS B 507 -9.38 3.31 -19.52
C LYS B 507 -9.25 3.44 -18.01
N SER B 508 -10.29 3.05 -17.28
CA SER B 508 -10.24 3.13 -15.83
C SER B 508 -9.02 2.37 -15.30
N GLN B 509 -8.80 1.17 -15.83
CA GLN B 509 -7.65 0.35 -15.44
C GLN B 509 -6.33 1.03 -15.77
N VAL B 510 -6.28 1.71 -16.93
CA VAL B 510 -5.10 2.47 -17.30
C VAL B 510 -4.83 3.58 -16.28
N LEU B 511 -5.86 4.37 -15.97
CA LEU B 511 -5.73 5.41 -14.96
C LEU B 511 -5.24 4.85 -13.63
N LYS B 512 -5.94 3.84 -13.12
CA LYS B 512 -5.58 3.22 -11.86
C LYS B 512 -4.12 2.75 -11.86
N SER B 513 -3.76 1.97 -12.87
CA SER B 513 -2.42 1.42 -12.95
C SER B 513 -1.37 2.52 -12.98
N ALA B 514 -1.57 3.50 -13.85
CA ALA B 514 -0.62 4.59 -14.00
C ALA B 514 -0.46 5.38 -12.70
N THR B 515 -1.58 5.76 -12.11
CA THR B 515 -1.55 6.56 -10.89
C THR B 515 -0.93 5.79 -9.73
N GLU B 516 -1.27 4.51 -9.61
CA GLU B 516 -0.68 3.66 -8.59
C GLU B 516 0.83 3.59 -8.77
N ALA B 517 1.27 3.30 -9.99
CA ALA B 517 2.70 3.26 -10.30
C ALA B 517 3.39 4.57 -9.95
N ALA B 518 2.86 5.69 -10.45
CA ALA B 518 3.48 6.99 -10.25
C ALA B 518 3.56 7.37 -8.77
N THR B 519 2.44 7.23 -8.03
CA THR B 519 2.46 7.53 -6.60
C THR B 519 3.43 6.60 -5.88
N ALA B 520 3.41 5.33 -6.24
CA ALA B 520 4.32 4.35 -5.66
C ALA B 520 5.79 4.77 -5.83
N ILE B 521 6.17 5.11 -7.06
CA ILE B 521 7.51 5.66 -7.28
C ILE B 521 7.73 6.88 -6.42
N LEU B 522 6.74 7.76 -6.37
CA LEU B 522 6.84 8.99 -5.60
C LEU B 522 6.94 8.74 -4.10
N LYS B 523 6.33 7.67 -3.61
CA LYS B 523 6.29 7.42 -2.17
C LYS B 523 7.61 6.86 -1.63
N ILE B 524 8.48 6.38 -2.51
CA ILE B 524 9.75 5.80 -2.10
C ILE B 524 10.81 6.89 -1.88
N ASP B 525 11.41 6.87 -0.70
CA ASP B 525 12.27 7.96 -0.22
C ASP B 525 13.75 7.69 -0.50
N ASP B 526 14.15 6.43 -0.36
CA ASP B 526 15.55 6.04 -0.49
C ASP B 526 15.67 4.55 -0.83
N LEU B 527 16.90 4.09 -1.05
CA LEU B 527 17.18 2.67 -1.24
C LEU B 527 18.18 2.18 -0.20
N ILE B 528 17.92 0.98 0.32
CA ILE B 528 18.74 0.40 1.38
C ILE B 528 19.17 -1.01 0.99
N ALA B 529 20.43 -1.35 1.27
CA ALA B 529 20.99 -2.64 0.89
C ALA B 529 20.55 -3.75 1.84
N ALA B 530 20.09 -4.87 1.28
CA ALA B 530 19.60 -5.99 2.07
C ALA B 530 20.35 -7.28 1.73
#